data_2HSS
# 
_entry.id   2HSS 
# 
_audit_conform.dict_name       mmcif_pdbx.dic 
_audit_conform.dict_version    5.391 
_audit_conform.dict_location   http://mmcif.pdb.org/dictionaries/ascii/mmcif_pdbx.dic 
# 
loop_
_database_2.database_id 
_database_2.database_code 
_database_2.pdbx_database_accession 
_database_2.pdbx_DOI 
PDB   2HSS         pdb_00002hss 10.2210/pdb2hss/pdb 
RCSB  RCSB038717   ?            ?                   
WWPDB D_1000038717 ?            ?                   
# 
loop_
_pdbx_audit_revision_history.ordinal 
_pdbx_audit_revision_history.data_content_type 
_pdbx_audit_revision_history.major_revision 
_pdbx_audit_revision_history.minor_revision 
_pdbx_audit_revision_history.revision_date 
1 'Structure model' 1 0 2007-05-29 
2 'Structure model' 1 1 2008-05-01 
3 'Structure model' 1 2 2011-07-13 
4 'Structure model' 1 3 2014-07-09 
5 'Structure model' 1 4 2018-08-08 
6 'Structure model' 1 5 2024-05-01 
# 
_pdbx_audit_revision_details.ordinal             1 
_pdbx_audit_revision_details.revision_ordinal    1 
_pdbx_audit_revision_details.data_content_type   'Structure model' 
_pdbx_audit_revision_details.provider            repository 
_pdbx_audit_revision_details.type                'Initial release' 
_pdbx_audit_revision_details.description         ? 
_pdbx_audit_revision_details.details             ? 
# 
loop_
_pdbx_audit_revision_group.ordinal 
_pdbx_audit_revision_group.revision_ordinal 
_pdbx_audit_revision_group.data_content_type 
_pdbx_audit_revision_group.group 
1  2 'Structure model' 'Version format compliance' 
2  3 'Structure model' 'Version format compliance' 
3  4 'Structure model' 'Non-polymer description'   
4  5 'Structure model' 'Data collection'           
5  5 'Structure model' 'Derived calculations'      
6  5 'Structure model' 'Experimental preparation'  
7  5 'Structure model' 'Source and taxonomy'       
8  6 'Structure model' 'Data collection'           
9  6 'Structure model' 'Database references'       
10 6 'Structure model' 'Derived calculations'      
# 
loop_
_pdbx_audit_revision_category.ordinal 
_pdbx_audit_revision_category.revision_ordinal 
_pdbx_audit_revision_category.data_content_type 
_pdbx_audit_revision_category.category 
1  5 'Structure model' ndb_struct_conf_na               
2  5 'Structure model' ndb_struct_na_base_pair          
3  5 'Structure model' pdbx_entity_src_syn              
4  5 'Structure model' pdbx_nmr_ensemble                
5  5 'Structure model' pdbx_nmr_exptl_sample            
6  5 'Structure model' pdbx_nmr_exptl_sample_conditions 
7  5 'Structure model' pdbx_nmr_sample_details          
8  5 'Structure model' pdbx_nmr_software                
9  5 'Structure model' pdbx_nmr_spectrometer            
10 5 'Structure model' pdbx_struct_assembly_prop        
11 5 'Structure model' pdbx_struct_oper_list            
12 6 'Structure model' chem_comp_atom                   
13 6 'Structure model' chem_comp_bond                   
14 6 'Structure model' database_2                       
15 6 'Structure model' pdbx_nmr_software                
16 6 'Structure model' struct_conn                      
# 
loop_
_pdbx_audit_revision_item.ordinal 
_pdbx_audit_revision_item.revision_ordinal 
_pdbx_audit_revision_item.data_content_type 
_pdbx_audit_revision_item.item 
1  5 'Structure model' '_ndb_struct_na_base_pair.opening'                       
2  5 'Structure model' '_pdbx_nmr_ensemble.conformer_selection_criteria'        
3  5 'Structure model' '_pdbx_nmr_ensemble.conformers_calculated_total_number'  
4  5 'Structure model' '_pdbx_nmr_exptl_sample_conditions.ionic_strength_units' 
5  5 'Structure model' '_pdbx_nmr_exptl_sample_conditions.label'                
6  5 'Structure model' '_pdbx_nmr_exptl_sample_conditions.pH_units'             
7  5 'Structure model' '_pdbx_nmr_sample_details.contents'                      
8  5 'Structure model' '_pdbx_nmr_sample_details.label'                         
9  5 'Structure model' '_pdbx_nmr_sample_details.solvent_system'                
10 5 'Structure model' '_pdbx_nmr_sample_details.type'                          
11 5 'Structure model' '_pdbx_nmr_software.classification'                      
12 5 'Structure model' '_pdbx_nmr_spectrometer.manufacturer'                    
13 5 'Structure model' '_pdbx_struct_oper_list.symmetry_operation'              
14 6 'Structure model' '_database_2.pdbx_DOI'                                   
15 6 'Structure model' '_database_2.pdbx_database_accession'                    
16 6 'Structure model' '_pdbx_nmr_software.name'                                
17 6 'Structure model' '_struct_conn.pdbx_leaving_atom_flag'                    
# 
_pdbx_database_status.status_code                     REL 
_pdbx_database_status.entry_id                        2HSS 
_pdbx_database_status.recvd_initial_deposition_date   2006-07-22 
_pdbx_database_status.deposit_site                    RCSB 
_pdbx_database_status.process_site                    RCSB 
_pdbx_database_status.status_code_sf                  ? 
_pdbx_database_status.status_code_mr                  REL 
_pdbx_database_status.SG_entry                        ? 
_pdbx_database_status.status_code_cs                  ? 
_pdbx_database_status.pdb_format_compatible           Y 
_pdbx_database_status.methods_development_category    ? 
_pdbx_database_status.status_code_nmr_data            ? 
# 
loop_
_pdbx_database_related.db_name 
_pdbx_database_related.db_id 
_pdbx_database_related.details 
_pdbx_database_related.content_type 
PDB 2HOU . unspecified 
PDB 2HPX . unspecified 
PDB 2HSK . unspecified 
PDB 2HSL . unspecified 
PDB 2HSR . unspecified 
# 
loop_
_audit_author.name 
_audit_author.pdbx_ordinal 
'Chen, J.'        1 
'Dupradeau, F.Y.' 2 
'Case, D.A.'      3 
'Turner, C.J.'    4 
'Stubbe, J.'      5 
# 
_citation.id                        primary 
_citation.title                     
;Nuclear magnetic resonance structural studies and molecular modeling of duplex DNA containing normal and 4'-oxidized abasic sites.
;
_citation.journal_abbrev            Biochemistry 
_citation.journal_volume            46 
_citation.page_first                3096 
_citation.page_last                 3107 
_citation.year                      2007 
_citation.journal_id_ASTM           BICHAW 
_citation.country                   US 
_citation.journal_id_ISSN           0006-2960 
_citation.journal_id_CSD            0033 
_citation.book_publisher            ? 
_citation.pdbx_database_id_PubMed   17323932 
_citation.pdbx_database_id_DOI      10.1021/bi6024269 
# 
loop_
_citation_author.citation_id 
_citation_author.name 
_citation_author.ordinal 
_citation_author.identifier_ORCID 
primary 'Chen, J.'        1 ? 
primary 'Dupradeau, F.Y.' 2 ? 
primary 'Case, D.A.'      3 ? 
primary 'Turner, C.J.'    4 ? 
primary 'Stubbe, J.'      5 ? 
# 
loop_
_entity.id 
_entity.type 
_entity.src_method 
_entity.pdbx_description 
_entity.formula_weight 
_entity.pdbx_number_of_molecules 
_entity.pdbx_ec 
_entity.pdbx_mutation 
_entity.pdbx_fragment 
_entity.details 
1 polymer syn "5'-D(*CP*CP*AP*AP*AP*GP*(AAB)P*AP*CP*CP*GP*GP*G)-3'" 3877.515 1 ? ? ? ? 
2 polymer syn "5'-D(*CP*CP*CP*GP*GP*TP*AP*CP*TP*TP*TP*GP*G)-3'"     3958.571 1 ? ? ? ? 
# 
loop_
_entity_poly.entity_id 
_entity_poly.type 
_entity_poly.nstd_linkage 
_entity_poly.nstd_monomer 
_entity_poly.pdbx_seq_one_letter_code 
_entity_poly.pdbx_seq_one_letter_code_can 
_entity_poly.pdbx_strand_id 
_entity_poly.pdbx_target_identifier 
1 polydeoxyribonucleotide no yes '(DC)(DC)(DA)(DA)(DA)(DG)(AAB)(DA)(DC)(DC)(DG)(DG)(DG)' CCAAAGXACCGGG A ? 
2 polydeoxyribonucleotide no no  '(DC)(DC)(DC)(DG)(DG)(DT)(DA)(DC)(DT)(DT)(DT)(DG)(DG)'  CCCGGTACTTTGG B ? 
# 
loop_
_entity_poly_seq.entity_id 
_entity_poly_seq.num 
_entity_poly_seq.mon_id 
_entity_poly_seq.hetero 
1 1  DC  n 
1 2  DC  n 
1 3  DA  n 
1 4  DA  n 
1 5  DA  n 
1 6  DG  n 
1 7  AAB n 
1 8  DA  n 
1 9  DC  n 
1 10 DC  n 
1 11 DG  n 
1 12 DG  n 
1 13 DG  n 
2 1  DC  n 
2 2  DC  n 
2 3  DC  n 
2 4  DG  n 
2 5  DG  n 
2 6  DT  n 
2 7  DA  n 
2 8  DC  n 
2 9  DT  n 
2 10 DT  n 
2 11 DT  n 
2 12 DG  n 
2 13 DG  n 
# 
loop_
_pdbx_entity_src_syn.entity_id 
_pdbx_entity_src_syn.pdbx_src_id 
_pdbx_entity_src_syn.pdbx_alt_source_flag 
_pdbx_entity_src_syn.pdbx_beg_seq_num 
_pdbx_entity_src_syn.pdbx_end_seq_num 
_pdbx_entity_src_syn.organism_scientific 
_pdbx_entity_src_syn.organism_common_name 
_pdbx_entity_src_syn.ncbi_taxonomy_id 
_pdbx_entity_src_syn.details 
1 1 sample ? ? 'synthetic construct' ? 32630 ? 
2 1 sample ? ? 'synthetic construct' ? 32630 ? 
# 
loop_
_chem_comp.id 
_chem_comp.type 
_chem_comp.mon_nstd_flag 
_chem_comp.name 
_chem_comp.pdbx_synonyms 
_chem_comp.formula 
_chem_comp.formula_weight 
AAB 'DNA linking' . "2'-DEOXY-RIBOFURANOSE-5'-MONOPHOSPHATE" 'ABASIC DEOXYRIBOSE' 'C5 H11 O7 P'     214.110 
DA  'DNA linking' y "2'-DEOXYADENOSINE-5'-MONOPHOSPHATE"     ?                    'C10 H14 N5 O6 P' 331.222 
DC  'DNA linking' y "2'-DEOXYCYTIDINE-5'-MONOPHOSPHATE"      ?                    'C9 H14 N3 O7 P'  307.197 
DG  'DNA linking' y "2'-DEOXYGUANOSINE-5'-MONOPHOSPHATE"     ?                    'C10 H14 N5 O7 P' 347.221 
DT  'DNA linking' y "THYMIDINE-5'-MONOPHOSPHATE"             ?                    'C10 H15 N2 O8 P' 322.208 
# 
loop_
_pdbx_poly_seq_scheme.asym_id 
_pdbx_poly_seq_scheme.entity_id 
_pdbx_poly_seq_scheme.seq_id 
_pdbx_poly_seq_scheme.mon_id 
_pdbx_poly_seq_scheme.ndb_seq_num 
_pdbx_poly_seq_scheme.pdb_seq_num 
_pdbx_poly_seq_scheme.auth_seq_num 
_pdbx_poly_seq_scheme.pdb_mon_id 
_pdbx_poly_seq_scheme.auth_mon_id 
_pdbx_poly_seq_scheme.pdb_strand_id 
_pdbx_poly_seq_scheme.pdb_ins_code 
_pdbx_poly_seq_scheme.hetero 
A 1 1  DC  1  1  1  DC  C5  A . n 
A 1 2  DC  2  2  2  DC  C   A . n 
A 1 3  DA  3  3  3  DA  A   A . n 
A 1 4  DA  4  4  4  DA  A   A . n 
A 1 5  DA  5  5  5  DA  A   A . n 
A 1 6  DG  6  6  6  DG  G   A . n 
A 1 7  AAB 7  7  7  AAB AAB A . n 
A 1 8  DA  8  8  8  DA  A   A . n 
A 1 9  DC  9  9  9  DC  C   A . n 
A 1 10 DC  10 10 10 DC  C   A . n 
A 1 11 DG  11 11 11 DG  G   A . n 
A 1 12 DG  12 12 12 DG  G   A . n 
A 1 13 DG  13 13 13 DG  G3  A . n 
B 2 1  DC  1  14 14 DC  C5  B . n 
B 2 2  DC  2  15 15 DC  C   B . n 
B 2 3  DC  3  16 16 DC  C   B . n 
B 2 4  DG  4  17 17 DG  G   B . n 
B 2 5  DG  5  18 18 DG  G   B . n 
B 2 6  DT  6  19 19 DT  T   B . n 
B 2 7  DA  7  20 20 DA  A   B . n 
B 2 8  DC  8  21 21 DC  C   B . n 
B 2 9  DT  9  22 22 DT  T   B . n 
B 2 10 DT  10 23 23 DT  T   B . n 
B 2 11 DT  11 24 24 DT  T   B . n 
B 2 12 DG  12 25 25 DG  G   B . n 
B 2 13 DG  13 26 26 DG  G3  B . n 
# 
_exptl.entry_id          2HSS 
_exptl.method            'SOLUTION NMR' 
_exptl.crystals_number   ? 
# 
_exptl_crystal.id                    1 
_exptl_crystal.density_meas          ? 
_exptl_crystal.density_Matthews      ? 
_exptl_crystal.density_percent_sol   ? 
_exptl_crystal.description           ? 
# 
_diffrn.id                     1 
_diffrn.ambient_temp           ? 
_diffrn.ambient_temp_details   ? 
_diffrn.crystal_id             1 
# 
_diffrn_radiation.diffrn_id                        1 
_diffrn_radiation.wavelength_id                    1 
_diffrn_radiation.monochromator                    ? 
_diffrn_radiation.pdbx_monochromatic_or_laue_m_l   M 
_diffrn_radiation.pdbx_diffrn_protocol             'SINGLE WAVELENGTH' 
_diffrn_radiation.pdbx_scattering_type             x-ray 
# 
_diffrn_radiation_wavelength.id           1 
_diffrn_radiation_wavelength.wavelength   . 
_diffrn_radiation_wavelength.wt           1.0 
# 
_struct.entry_id                  2HSS 
_struct.title                     '13mer duplex DNA containg an abasic site with beta anomer, averaged structure' 
_struct.pdbx_model_details        ? 
_struct.pdbx_CASP_flag            ? 
_struct.pdbx_model_type_details   'minimized average' 
# 
_struct_keywords.entry_id        2HSS 
_struct_keywords.pdbx_keywords   DNA 
_struct_keywords.text            'abasic site, DNA damage, base excision repair, Ape1, DNA' 
# 
loop_
_struct_asym.id 
_struct_asym.pdbx_blank_PDB_chainid_flag 
_struct_asym.pdbx_modified 
_struct_asym.entity_id 
_struct_asym.details 
A N N 1 ? 
B N N 2 ? 
# 
loop_
_struct_ref.id 
_struct_ref.entity_id 
_struct_ref.db_name 
_struct_ref.db_code 
_struct_ref.pdbx_db_accession 
_struct_ref.pdbx_align_begin 
_struct_ref.pdbx_seq_one_letter_code 
_struct_ref.pdbx_db_isoform 
1 1 PDB 2HSS 2HSS ? ? ? 
2 2 PDB 2HSS 2HSS ? ? ? 
# 
loop_
_struct_ref_seq.align_id 
_struct_ref_seq.ref_id 
_struct_ref_seq.pdbx_PDB_id_code 
_struct_ref_seq.pdbx_strand_id 
_struct_ref_seq.seq_align_beg 
_struct_ref_seq.pdbx_seq_align_beg_ins_code 
_struct_ref_seq.seq_align_end 
_struct_ref_seq.pdbx_seq_align_end_ins_code 
_struct_ref_seq.pdbx_db_accession 
_struct_ref_seq.db_align_beg 
_struct_ref_seq.pdbx_db_align_beg_ins_code 
_struct_ref_seq.db_align_end 
_struct_ref_seq.pdbx_db_align_end_ins_code 
_struct_ref_seq.pdbx_auth_seq_align_beg 
_struct_ref_seq.pdbx_auth_seq_align_end 
1 1 2HSS A 1 ? 13 ? 2HSS 1  ? 13 ? 1  13 
2 2 2HSS B 1 ? 13 ? 2HSS 14 ? 26 ? 14 26 
# 
_pdbx_struct_assembly.id                   1 
_pdbx_struct_assembly.details              author_defined_assembly 
_pdbx_struct_assembly.method_details       ? 
_pdbx_struct_assembly.oligomeric_details   dimeric 
_pdbx_struct_assembly.oligomeric_count     2 
# 
loop_
_pdbx_struct_assembly_prop.biol_id 
_pdbx_struct_assembly_prop.type 
_pdbx_struct_assembly_prop.value 
_pdbx_struct_assembly_prop.details 
1 'ABSA (A^2)' 1580 ? 
1 MORE         -3   ? 
1 'SSA (A^2)'  5270 ? 
# 
_pdbx_struct_assembly_gen.assembly_id       1 
_pdbx_struct_assembly_gen.oper_expression   1 
_pdbx_struct_assembly_gen.asym_id_list      A,B 
# 
_pdbx_struct_oper_list.id                   1 
_pdbx_struct_oper_list.type                 'identity operation' 
_pdbx_struct_oper_list.name                 1_555 
_pdbx_struct_oper_list.symmetry_operation   ? 
_pdbx_struct_oper_list.matrix[1][1]         1.0000000000 
_pdbx_struct_oper_list.matrix[1][2]         0.0000000000 
_pdbx_struct_oper_list.matrix[1][3]         0.0000000000 
_pdbx_struct_oper_list.vector[1]            0.0000000000 
_pdbx_struct_oper_list.matrix[2][1]         0.0000000000 
_pdbx_struct_oper_list.matrix[2][2]         1.0000000000 
_pdbx_struct_oper_list.matrix[2][3]         0.0000000000 
_pdbx_struct_oper_list.vector[2]            0.0000000000 
_pdbx_struct_oper_list.matrix[3][1]         0.0000000000 
_pdbx_struct_oper_list.matrix[3][2]         0.0000000000 
_pdbx_struct_oper_list.matrix[3][3]         1.0000000000 
_pdbx_struct_oper_list.vector[3]            0.0000000000 
# 
loop_
_struct_conn.id 
_struct_conn.conn_type_id 
_struct_conn.pdbx_leaving_atom_flag 
_struct_conn.pdbx_PDB_id 
_struct_conn.ptnr1_label_asym_id 
_struct_conn.ptnr1_label_comp_id 
_struct_conn.ptnr1_label_seq_id 
_struct_conn.ptnr1_label_atom_id 
_struct_conn.pdbx_ptnr1_label_alt_id 
_struct_conn.pdbx_ptnr1_PDB_ins_code 
_struct_conn.pdbx_ptnr1_standard_comp_id 
_struct_conn.ptnr1_symmetry 
_struct_conn.ptnr2_label_asym_id 
_struct_conn.ptnr2_label_comp_id 
_struct_conn.ptnr2_label_seq_id 
_struct_conn.ptnr2_label_atom_id 
_struct_conn.pdbx_ptnr2_label_alt_id 
_struct_conn.pdbx_ptnr2_PDB_ins_code 
_struct_conn.ptnr1_auth_asym_id 
_struct_conn.ptnr1_auth_comp_id 
_struct_conn.ptnr1_auth_seq_id 
_struct_conn.ptnr2_auth_asym_id 
_struct_conn.ptnr2_auth_comp_id 
_struct_conn.ptnr2_auth_seq_id 
_struct_conn.ptnr2_symmetry 
_struct_conn.pdbx_ptnr3_label_atom_id 
_struct_conn.pdbx_ptnr3_label_seq_id 
_struct_conn.pdbx_ptnr3_label_comp_id 
_struct_conn.pdbx_ptnr3_label_asym_id 
_struct_conn.pdbx_ptnr3_label_alt_id 
_struct_conn.pdbx_ptnr3_PDB_ins_code 
_struct_conn.details 
_struct_conn.pdbx_dist_value 
_struct_conn.pdbx_value_order 
_struct_conn.pdbx_role 
covale1  covale one ? A DG  6  "O3'" ? ? ? 1_555 A AAB 7  P  ? ? A DG  6  A AAB 7  1_555 ? ? ? ? ? ? ?            1.605 ? ? 
covale2  covale one ? A AAB 7  "O3'" ? ? ? 1_555 A DA  8  P  ? ? A AAB 7  A DA  8  1_555 ? ? ? ? ? ? ?            1.597 ? ? 
hydrog1  hydrog ?   ? A DC  1  N3    ? ? ? 1_555 B DG  13 N1 ? ? A DC  1  B DG  26 1_555 ? ? ? ? ? ? WATSON-CRICK ?     ? ? 
hydrog2  hydrog ?   ? A DC  1  N4    ? ? ? 1_555 B DG  13 O6 ? ? A DC  1  B DG  26 1_555 ? ? ? ? ? ? WATSON-CRICK ?     ? ? 
hydrog3  hydrog ?   ? A DC  1  O2    ? ? ? 1_555 B DG  13 N2 ? ? A DC  1  B DG  26 1_555 ? ? ? ? ? ? WATSON-CRICK ?     ? ? 
hydrog4  hydrog ?   ? A DC  2  N3    ? ? ? 1_555 B DG  12 N1 ? ? A DC  2  B DG  25 1_555 ? ? ? ? ? ? WATSON-CRICK ?     ? ? 
hydrog5  hydrog ?   ? A DC  2  N4    ? ? ? 1_555 B DG  12 O6 ? ? A DC  2  B DG  25 1_555 ? ? ? ? ? ? WATSON-CRICK ?     ? ? 
hydrog6  hydrog ?   ? A DC  2  O2    ? ? ? 1_555 B DG  12 N2 ? ? A DC  2  B DG  25 1_555 ? ? ? ? ? ? WATSON-CRICK ?     ? ? 
hydrog7  hydrog ?   ? A DA  3  N1    ? ? ? 1_555 B DT  11 N3 ? ? A DA  3  B DT  24 1_555 ? ? ? ? ? ? WATSON-CRICK ?     ? ? 
hydrog8  hydrog ?   ? A DA  3  N6    ? ? ? 1_555 B DT  11 O4 ? ? A DA  3  B DT  24 1_555 ? ? ? ? ? ? WATSON-CRICK ?     ? ? 
hydrog9  hydrog ?   ? A DA  4  N1    ? ? ? 1_555 B DT  10 N3 ? ? A DA  4  B DT  23 1_555 ? ? ? ? ? ? WATSON-CRICK ?     ? ? 
hydrog10 hydrog ?   ? A DA  4  N6    ? ? ? 1_555 B DT  10 O4 ? ? A DA  4  B DT  23 1_555 ? ? ? ? ? ? WATSON-CRICK ?     ? ? 
hydrog11 hydrog ?   ? A DA  5  N1    ? ? ? 1_555 B DT  9  N3 ? ? A DA  5  B DT  22 1_555 ? ? ? ? ? ? WATSON-CRICK ?     ? ? 
hydrog12 hydrog ?   ? A DA  5  N6    ? ? ? 1_555 B DT  9  O4 ? ? A DA  5  B DT  22 1_555 ? ? ? ? ? ? WATSON-CRICK ?     ? ? 
hydrog13 hydrog ?   ? A DG  6  N1    ? ? ? 1_555 B DC  8  N3 ? ? A DG  6  B DC  21 1_555 ? ? ? ? ? ? WATSON-CRICK ?     ? ? 
hydrog14 hydrog ?   ? A DG  6  N2    ? ? ? 1_555 B DC  8  O2 ? ? A DG  6  B DC  21 1_555 ? ? ? ? ? ? WATSON-CRICK ?     ? ? 
hydrog15 hydrog ?   ? A DG  6  O6    ? ? ? 1_555 B DC  8  N4 ? ? A DG  6  B DC  21 1_555 ? ? ? ? ? ? WATSON-CRICK ?     ? ? 
hydrog16 hydrog ?   ? A DA  8  N1    ? ? ? 1_555 B DT  6  N3 ? ? A DA  8  B DT  19 1_555 ? ? ? ? ? ? WATSON-CRICK ?     ? ? 
hydrog17 hydrog ?   ? A DA  8  N6    ? ? ? 1_555 B DT  6  O4 ? ? A DA  8  B DT  19 1_555 ? ? ? ? ? ? WATSON-CRICK ?     ? ? 
hydrog18 hydrog ?   ? A DC  9  N3    ? ? ? 1_555 B DG  5  N1 ? ? A DC  9  B DG  18 1_555 ? ? ? ? ? ? WATSON-CRICK ?     ? ? 
hydrog19 hydrog ?   ? A DC  9  N4    ? ? ? 1_555 B DG  5  O6 ? ? A DC  9  B DG  18 1_555 ? ? ? ? ? ? WATSON-CRICK ?     ? ? 
hydrog20 hydrog ?   ? A DC  9  O2    ? ? ? 1_555 B DG  5  N2 ? ? A DC  9  B DG  18 1_555 ? ? ? ? ? ? WATSON-CRICK ?     ? ? 
hydrog21 hydrog ?   ? A DC  10 N3    ? ? ? 1_555 B DG  4  N1 ? ? A DC  10 B DG  17 1_555 ? ? ? ? ? ? WATSON-CRICK ?     ? ? 
hydrog22 hydrog ?   ? A DC  10 N4    ? ? ? 1_555 B DG  4  O6 ? ? A DC  10 B DG  17 1_555 ? ? ? ? ? ? WATSON-CRICK ?     ? ? 
hydrog23 hydrog ?   ? A DC  10 O2    ? ? ? 1_555 B DG  4  N2 ? ? A DC  10 B DG  17 1_555 ? ? ? ? ? ? WATSON-CRICK ?     ? ? 
hydrog24 hydrog ?   ? A DG  11 N1    ? ? ? 1_555 B DC  3  N3 ? ? A DG  11 B DC  16 1_555 ? ? ? ? ? ? WATSON-CRICK ?     ? ? 
hydrog25 hydrog ?   ? A DG  11 N2    ? ? ? 1_555 B DC  3  O2 ? ? A DG  11 B DC  16 1_555 ? ? ? ? ? ? WATSON-CRICK ?     ? ? 
hydrog26 hydrog ?   ? A DG  11 O6    ? ? ? 1_555 B DC  3  N4 ? ? A DG  11 B DC  16 1_555 ? ? ? ? ? ? WATSON-CRICK ?     ? ? 
hydrog27 hydrog ?   ? A DG  12 N1    ? ? ? 1_555 B DC  2  N3 ? ? A DG  12 B DC  15 1_555 ? ? ? ? ? ? WATSON-CRICK ?     ? ? 
hydrog28 hydrog ?   ? A DG  12 N2    ? ? ? 1_555 B DC  2  O2 ? ? A DG  12 B DC  15 1_555 ? ? ? ? ? ? WATSON-CRICK ?     ? ? 
hydrog29 hydrog ?   ? A DG  12 O6    ? ? ? 1_555 B DC  2  N4 ? ? A DG  12 B DC  15 1_555 ? ? ? ? ? ? WATSON-CRICK ?     ? ? 
hydrog30 hydrog ?   ? A DG  13 N1    ? ? ? 1_555 B DC  1  N3 ? ? A DG  13 B DC  14 1_555 ? ? ? ? ? ? WATSON-CRICK ?     ? ? 
hydrog31 hydrog ?   ? A DG  13 N2    ? ? ? 1_555 B DC  1  O2 ? ? A DG  13 B DC  14 1_555 ? ? ? ? ? ? WATSON-CRICK ?     ? ? 
hydrog32 hydrog ?   ? A DG  13 O6    ? ? ? 1_555 B DC  1  N4 ? ? A DG  13 B DC  14 1_555 ? ? ? ? ? ? WATSON-CRICK ?     ? ? 
# 
loop_
_struct_conn_type.id 
_struct_conn_type.criteria 
_struct_conn_type.reference 
covale ? ? 
hydrog ? ? 
# 
loop_
_pdbx_validate_rmsd_angle.id 
_pdbx_validate_rmsd_angle.PDB_model_num 
_pdbx_validate_rmsd_angle.auth_atom_id_1 
_pdbx_validate_rmsd_angle.auth_asym_id_1 
_pdbx_validate_rmsd_angle.auth_comp_id_1 
_pdbx_validate_rmsd_angle.auth_seq_id_1 
_pdbx_validate_rmsd_angle.PDB_ins_code_1 
_pdbx_validate_rmsd_angle.label_alt_id_1 
_pdbx_validate_rmsd_angle.auth_atom_id_2 
_pdbx_validate_rmsd_angle.auth_asym_id_2 
_pdbx_validate_rmsd_angle.auth_comp_id_2 
_pdbx_validate_rmsd_angle.auth_seq_id_2 
_pdbx_validate_rmsd_angle.PDB_ins_code_2 
_pdbx_validate_rmsd_angle.label_alt_id_2 
_pdbx_validate_rmsd_angle.auth_atom_id_3 
_pdbx_validate_rmsd_angle.auth_asym_id_3 
_pdbx_validate_rmsd_angle.auth_comp_id_3 
_pdbx_validate_rmsd_angle.auth_seq_id_3 
_pdbx_validate_rmsd_angle.PDB_ins_code_3 
_pdbx_validate_rmsd_angle.label_alt_id_3 
_pdbx_validate_rmsd_angle.angle_value 
_pdbx_validate_rmsd_angle.angle_target_value 
_pdbx_validate_rmsd_angle.angle_deviation 
_pdbx_validate_rmsd_angle.angle_standard_deviation 
_pdbx_validate_rmsd_angle.linker_flag 
1  1 "O4'" A DC 1  ? ? "C1'" A DC 1  ? ? N1    A DC 1  ? ? 112.00 108.30 3.70  0.30 N 
2  1 N3    A DC 1  ? ? C2    A DC 1  ? ? O2    A DC 1  ? ? 117.17 121.90 -4.73 0.70 N 
3  1 "O4'" A DC 2  ? ? "C1'" A DC 2  ? ? N1    A DC 2  ? ? 110.44 108.30 2.14  0.30 N 
4  1 N3    A DC 2  ? ? C2    A DC 2  ? ? O2    A DC 2  ? ? 117.12 121.90 -4.78 0.70 N 
5  1 "O4'" A DA 3  ? ? "C1'" A DA 3  ? ? N9    A DA 3  ? ? 110.29 108.30 1.99  0.30 N 
6  1 C4    A DA 3  ? ? C5    A DA 3  ? ? C6    A DA 3  ? ? 113.64 117.00 -3.36 0.50 N 
7  1 C5    A DA 3  ? ? C6    A DA 3  ? ? N1    A DA 3  ? ? 121.27 117.70 3.57  0.50 N 
8  1 N1    A DA 3  ? ? C6    A DA 3  ? ? N6    A DA 3  ? ? 114.21 118.60 -4.39 0.60 N 
9  1 C4    A DA 4  ? ? C5    A DA 4  ? ? C6    A DA 4  ? ? 113.36 117.00 -3.64 0.50 N 
10 1 C5    A DA 4  ? ? C6    A DA 4  ? ? N1    A DA 4  ? ? 121.12 117.70 3.42  0.50 N 
11 1 N1    A DA 4  ? ? C6    A DA 4  ? ? N6    A DA 4  ? ? 113.56 118.60 -5.04 0.60 N 
12 1 C4    A DA 5  ? ? C5    A DA 5  ? ? C6    A DA 5  ? ? 113.49 117.00 -3.51 0.50 N 
13 1 C5    A DA 5  ? ? C6    A DA 5  ? ? N1    A DA 5  ? ? 121.07 117.70 3.37  0.50 N 
14 1 N1    A DA 5  ? ? C6    A DA 5  ? ? N6    A DA 5  ? ? 114.19 118.60 -4.41 0.60 N 
15 1 "O4'" A DA 8  ? ? "C4'" A DA 8  ? ? "C3'" A DA 8  ? ? 109.70 106.00 3.70  0.60 N 
16 1 C4    A DA 8  ? ? C5    A DA 8  ? ? C6    A DA 8  ? ? 113.42 117.00 -3.58 0.50 N 
17 1 C5    A DA 8  ? ? C6    A DA 8  ? ? N1    A DA 8  ? ? 121.23 117.70 3.53  0.50 N 
18 1 N1    A DA 8  ? ? C6    A DA 8  ? ? N6    A DA 8  ? ? 114.02 118.60 -4.58 0.60 N 
19 1 N3    A DC 9  ? ? C2    A DC 9  ? ? O2    A DC 9  ? ? 116.69 121.90 -5.21 0.70 N 
20 1 N3    A DC 10 ? ? C2    A DC 10 ? ? O2    A DC 10 ? ? 117.09 121.90 -4.81 0.70 N 
21 1 "O4'" A DG 12 ? ? "C1'" A DG 12 ? ? N9    A DG 12 ? ? 110.20 108.30 1.90  0.30 N 
22 1 "O4'" B DC 14 ? ? "C1'" B DC 14 ? ? N1    B DC 14 ? ? 110.98 108.30 2.68  0.30 N 
23 1 N3    B DC 14 ? ? C2    B DC 14 ? ? O2    B DC 14 ? ? 117.07 121.90 -4.83 0.70 N 
24 1 N3    B DC 15 ? ? C2    B DC 15 ? ? O2    B DC 15 ? ? 116.65 121.90 -5.25 0.70 N 
25 1 N3    B DC 16 ? ? C2    B DC 16 ? ? O2    B DC 16 ? ? 116.93 121.90 -4.97 0.70 N 
26 1 "O4'" B DG 18 ? ? "C1'" B DG 18 ? ? N9    B DG 18 ? ? 110.15 108.30 1.85  0.30 N 
27 1 C6    B DT 19 ? ? C5    B DT 19 ? ? C7    B DT 19 ? ? 119.25 122.90 -3.65 0.60 N 
28 1 "O4'" B DA 20 ? ? "C1'" B DA 20 ? ? N9    B DA 20 ? ? 110.64 108.30 2.34  0.30 N 
29 1 C4    B DA 20 ? ? C5    B DA 20 ? ? C6    B DA 20 ? ? 113.46 117.00 -3.54 0.50 N 
30 1 C5    B DA 20 ? ? C6    B DA 20 ? ? N1    B DA 20 ? ? 121.58 117.70 3.88  0.50 N 
31 1 N1    B DA 20 ? ? C6    B DA 20 ? ? N6    B DA 20 ? ? 113.33 118.60 -5.27 0.60 N 
32 1 "O4'" B DC 21 ? ? "C1'" B DC 21 ? ? N1    B DC 21 ? ? 110.56 108.30 2.26  0.30 N 
33 1 N3    B DC 21 ? ? C2    B DC 21 ? ? O2    B DC 21 ? ? 117.03 121.90 -4.87 0.70 N 
34 1 "O4'" B DT 22 ? ? "C1'" B DT 22 ? ? N1    B DT 22 ? ? 110.89 108.30 2.59  0.30 N 
35 1 C6    B DT 22 ? ? C5    B DT 22 ? ? C7    B DT 22 ? ? 118.68 122.90 -4.22 0.60 N 
36 1 C6    B DT 23 ? ? C5    B DT 23 ? ? C7    B DT 23 ? ? 119.03 122.90 -3.87 0.60 N 
37 1 "O4'" B DT 24 ? ? "C1'" B DT 24 ? ? N1    B DT 24 ? ? 110.40 108.30 2.10  0.30 N 
38 1 C6    B DT 24 ? ? C5    B DT 24 ? ? C7    B DT 24 ? ? 118.97 122.90 -3.93 0.60 N 
39 1 "O4'" B DG 25 ? ? "C1'" B DG 25 ? ? N9    B DG 25 ? ? 110.33 108.30 2.03  0.30 N 
# 
_pdbx_nmr_ensemble.entry_id                                      2HSS 
_pdbx_nmr_ensemble.conformers_calculated_total_number            30 
_pdbx_nmr_ensemble.conformers_submitted_total_number             1 
_pdbx_nmr_ensemble.conformer_selection_criteria                  'structures with the least restraint violations' 
_pdbx_nmr_ensemble.average_constraints_per_residue               ? 
_pdbx_nmr_ensemble.average_constraint_violations_per_residue     ? 
_pdbx_nmr_ensemble.maximum_distance_constraint_violation         ? 
_pdbx_nmr_ensemble.average_distance_constraint_violation         ? 
_pdbx_nmr_ensemble.maximum_upper_distance_constraint_violation   ? 
_pdbx_nmr_ensemble.maximum_lower_distance_constraint_violation   ? 
_pdbx_nmr_ensemble.distance_constraint_violation_method          ? 
_pdbx_nmr_ensemble.maximum_torsion_angle_constraint_violation    ? 
_pdbx_nmr_ensemble.average_torsion_angle_constraint_violation    ? 
_pdbx_nmr_ensemble.torsion_angle_constraint_violation_method     ? 
# 
_pdbx_nmr_representative.entry_id             2HSS 
_pdbx_nmr_representative.conformer_id         1 
_pdbx_nmr_representative.selection_criteria   'minimized average structure' 
# 
loop_
_pdbx_nmr_sample_details.solution_id 
_pdbx_nmr_sample_details.contents 
_pdbx_nmr_sample_details.solvent_system 
_pdbx_nmr_sample_details.label 
_pdbx_nmr_sample_details.type 
_pdbx_nmr_sample_details.details 
1 '2.7 mM duplex DNA containing an abasic site with beta anomer, 10 mM sodium phosphate, 0.2 mM EDTA, 100% D2O'             
'100% D2O'             sample_1 solution ? 
2 '2.7 mM duplex DNA containing an abasic site with beta anomer, 10 mM sodium phosphate, 0.2 mM EDTA, 90% H2O/10%D2O (v/v)' 
'90% H2O/10%D2O (v/v)' sample_2 solution ? 
# 
loop_
_pdbx_nmr_exptl_sample.component 
_pdbx_nmr_exptl_sample.concentration 
_pdbx_nmr_exptl_sample.concentration_range 
_pdbx_nmr_exptl_sample.concentration_units 
_pdbx_nmr_exptl_sample.isotopic_labeling 
_pdbx_nmr_exptl_sample.solution_id 
'duplex DNA containing an abasic site with beta anomer' 2.7 ? mM 'natural abundance' 1 
'duplex DNA containing an abasic site with beta anomer' 2.7 ? mM 'natural abundance' 2 
'sodium phosphate'                                      10  ? mM 'natural abundance' 1 
'sodium phosphate'                                      10  ? mM 'natural abundance' 2 
EDTA                                                    0.2 ? mM 'natural abundance' 1 
EDTA                                                    0.2 ? mM 'natural abundance' 2 
# 
loop_
_pdbx_nmr_exptl_sample_conditions.conditions_id 
_pdbx_nmr_exptl_sample_conditions.temperature 
_pdbx_nmr_exptl_sample_conditions.pressure 
_pdbx_nmr_exptl_sample_conditions.pH 
_pdbx_nmr_exptl_sample_conditions.ionic_strength 
_pdbx_nmr_exptl_sample_conditions.pressure_units 
_pdbx_nmr_exptl_sample_conditions.temperature_units 
_pdbx_nmr_exptl_sample_conditions.label 
_pdbx_nmr_exptl_sample_conditions.pH_units 
_pdbx_nmr_exptl_sample_conditions.ionic_strength_units 
1 298 1 6.5 '10 mM sodium phosphate' atm K sample_conditions_1 pH mM 
2 277 1 6.5 '10 mM sodium phosphate' atm K sample_conditions_2 pH mM 
# 
loop_
_pdbx_nmr_exptl.experiment_id 
_pdbx_nmr_exptl.conditions_id 
_pdbx_nmr_exptl.type 
_pdbx_nmr_exptl.solution_id 
1 1 '2D NOESY'          1 
2 1 '2D TOCSY'          1 
3 1 E-COSY              1 
4 1 'HP-selective HSQC' 1 
5 2 '2D NOESY'          2 
# 
_pdbx_nmr_details.entry_id   2HSS 
_pdbx_nmr_details.text       
'This structure was determined using standard 2D homonuclear techniques and HP-selective HSQC techniques' 
# 
_pdbx_nmr_refine.entry_id           2HSS 
_pdbx_nmr_refine.method             
;simulated annealing 
molecular dynamics
;
_pdbx_nmr_refine.details            
;he structures are based on 482 NOE-derived 
distance constraints, 57 dihedral angle restraints,8 distance restraints from hydrogen bonds
;
_pdbx_nmr_refine.software_ordinal   1 
# 
loop_
_pdbx_nmr_software.classification 
_pdbx_nmr_software.name 
_pdbx_nmr_software.version 
_pdbx_nmr_software.authors 
_pdbx_nmr_software.ordinal 
'data analysis'         Felix     2000 ?              1 
'geometry optimization' MARDIGRAS ?    ?              2 
refinement              Amber     8.0  'Case, et al.' 3 
# 
loop_
_chem_comp_atom.comp_id 
_chem_comp_atom.atom_id 
_chem_comp_atom.type_symbol 
_chem_comp_atom.pdbx_aromatic_flag 
_chem_comp_atom.pdbx_stereo_config 
_chem_comp_atom.pdbx_ordinal 
AAB P      P N N 1   
AAB O1P    O N N 2   
AAB O2P    O N N 3   
AAB O3P    O N N 4   
AAB "O5'"  O N N 5   
AAB "C5'"  C N N 6   
AAB "C4'"  C N R 7   
AAB "O4'"  O N N 8   
AAB "C1'"  C N R 9   
AAB "O1'"  O N N 10  
AAB "C2'"  C N N 11  
AAB "C3'"  C N S 12  
AAB "O3'"  O N N 13  
AAB H1P    H N N 14  
AAB H3P    H N N 15  
AAB "H5'1" H N N 16  
AAB "H5'2" H N N 17  
AAB "H4'"  H N N 18  
AAB "H1'"  H N N 19  
AAB "HO1'" H N N 20  
AAB "H2'1" H N N 21  
AAB "H2'2" H N N 22  
AAB "H3'"  H N N 23  
AAB "HO3'" H N N 24  
DA  OP3    O N N 25  
DA  P      P N N 26  
DA  OP1    O N N 27  
DA  OP2    O N N 28  
DA  "O5'"  O N N 29  
DA  "C5'"  C N N 30  
DA  "C4'"  C N R 31  
DA  "O4'"  O N N 32  
DA  "C3'"  C N S 33  
DA  "O3'"  O N N 34  
DA  "C2'"  C N N 35  
DA  "C1'"  C N R 36  
DA  N9     N Y N 37  
DA  C8     C Y N 38  
DA  N7     N Y N 39  
DA  C5     C Y N 40  
DA  C6     C Y N 41  
DA  N6     N N N 42  
DA  N1     N Y N 43  
DA  C2     C Y N 44  
DA  N3     N Y N 45  
DA  C4     C Y N 46  
DA  HOP3   H N N 47  
DA  HOP2   H N N 48  
DA  "H5'"  H N N 49  
DA  "H5''" H N N 50  
DA  "H4'"  H N N 51  
DA  "H3'"  H N N 52  
DA  "HO3'" H N N 53  
DA  "H2'"  H N N 54  
DA  "H2''" H N N 55  
DA  "H1'"  H N N 56  
DA  H8     H N N 57  
DA  H61    H N N 58  
DA  H62    H N N 59  
DA  H2     H N N 60  
DC  OP3    O N N 61  
DC  P      P N N 62  
DC  OP1    O N N 63  
DC  OP2    O N N 64  
DC  "O5'"  O N N 65  
DC  "C5'"  C N N 66  
DC  "C4'"  C N R 67  
DC  "O4'"  O N N 68  
DC  "C3'"  C N S 69  
DC  "O3'"  O N N 70  
DC  "C2'"  C N N 71  
DC  "C1'"  C N R 72  
DC  N1     N N N 73  
DC  C2     C N N 74  
DC  O2     O N N 75  
DC  N3     N N N 76  
DC  C4     C N N 77  
DC  N4     N N N 78  
DC  C5     C N N 79  
DC  C6     C N N 80  
DC  HOP3   H N N 81  
DC  HOP2   H N N 82  
DC  "H5'"  H N N 83  
DC  "H5''" H N N 84  
DC  "H4'"  H N N 85  
DC  "H3'"  H N N 86  
DC  "HO3'" H N N 87  
DC  "H2'"  H N N 88  
DC  "H2''" H N N 89  
DC  "H1'"  H N N 90  
DC  H41    H N N 91  
DC  H42    H N N 92  
DC  H5     H N N 93  
DC  H6     H N N 94  
DG  OP3    O N N 95  
DG  P      P N N 96  
DG  OP1    O N N 97  
DG  OP2    O N N 98  
DG  "O5'"  O N N 99  
DG  "C5'"  C N N 100 
DG  "C4'"  C N R 101 
DG  "O4'"  O N N 102 
DG  "C3'"  C N S 103 
DG  "O3'"  O N N 104 
DG  "C2'"  C N N 105 
DG  "C1'"  C N R 106 
DG  N9     N Y N 107 
DG  C8     C Y N 108 
DG  N7     N Y N 109 
DG  C5     C Y N 110 
DG  C6     C N N 111 
DG  O6     O N N 112 
DG  N1     N N N 113 
DG  C2     C N N 114 
DG  N2     N N N 115 
DG  N3     N N N 116 
DG  C4     C Y N 117 
DG  HOP3   H N N 118 
DG  HOP2   H N N 119 
DG  "H5'"  H N N 120 
DG  "H5''" H N N 121 
DG  "H4'"  H N N 122 
DG  "H3'"  H N N 123 
DG  "HO3'" H N N 124 
DG  "H2'"  H N N 125 
DG  "H2''" H N N 126 
DG  "H1'"  H N N 127 
DG  H8     H N N 128 
DG  H1     H N N 129 
DG  H21    H N N 130 
DG  H22    H N N 131 
DT  OP3    O N N 132 
DT  P      P N N 133 
DT  OP1    O N N 134 
DT  OP2    O N N 135 
DT  "O5'"  O N N 136 
DT  "C5'"  C N N 137 
DT  "C4'"  C N R 138 
DT  "O4'"  O N N 139 
DT  "C3'"  C N S 140 
DT  "O3'"  O N N 141 
DT  "C2'"  C N N 142 
DT  "C1'"  C N R 143 
DT  N1     N N N 144 
DT  C2     C N N 145 
DT  O2     O N N 146 
DT  N3     N N N 147 
DT  C4     C N N 148 
DT  O4     O N N 149 
DT  C5     C N N 150 
DT  C7     C N N 151 
DT  C6     C N N 152 
DT  HOP3   H N N 153 
DT  HOP2   H N N 154 
DT  "H5'"  H N N 155 
DT  "H5''" H N N 156 
DT  "H4'"  H N N 157 
DT  "H3'"  H N N 158 
DT  "HO3'" H N N 159 
DT  "H2'"  H N N 160 
DT  "H2''" H N N 161 
DT  "H1'"  H N N 162 
DT  H3     H N N 163 
DT  H71    H N N 164 
DT  H72    H N N 165 
DT  H73    H N N 166 
DT  H6     H N N 167 
# 
loop_
_chem_comp_bond.comp_id 
_chem_comp_bond.atom_id_1 
_chem_comp_bond.atom_id_2 
_chem_comp_bond.value_order 
_chem_comp_bond.pdbx_aromatic_flag 
_chem_comp_bond.pdbx_stereo_config 
_chem_comp_bond.pdbx_ordinal 
AAB P     O1P    sing N N 1   
AAB P     O2P    doub N N 2   
AAB P     O3P    sing N N 3   
AAB P     "O5'"  sing N N 4   
AAB O1P   H1P    sing N N 5   
AAB O3P   H3P    sing N N 6   
AAB "O5'" "C5'"  sing N N 7   
AAB "C5'" "C4'"  sing N N 8   
AAB "C5'" "H5'1" sing N N 9   
AAB "C5'" "H5'2" sing N N 10  
AAB "C4'" "O4'"  sing N N 11  
AAB "C4'" "C3'"  sing N N 12  
AAB "C4'" "H4'"  sing N N 13  
AAB "O4'" "C1'"  sing N N 14  
AAB "C1'" "O1'"  sing N N 15  
AAB "C1'" "C2'"  sing N N 16  
AAB "C1'" "H1'"  sing N N 17  
AAB "O1'" "HO1'" sing N N 18  
AAB "C2'" "C3'"  sing N N 19  
AAB "C2'" "H2'1" sing N N 20  
AAB "C2'" "H2'2" sing N N 21  
AAB "C3'" "O3'"  sing N N 22  
AAB "C3'" "H3'"  sing N N 23  
AAB "O3'" "HO3'" sing N N 24  
DA  OP3   P      sing N N 25  
DA  OP3   HOP3   sing N N 26  
DA  P     OP1    doub N N 27  
DA  P     OP2    sing N N 28  
DA  P     "O5'"  sing N N 29  
DA  OP2   HOP2   sing N N 30  
DA  "O5'" "C5'"  sing N N 31  
DA  "C5'" "C4'"  sing N N 32  
DA  "C5'" "H5'"  sing N N 33  
DA  "C5'" "H5''" sing N N 34  
DA  "C4'" "O4'"  sing N N 35  
DA  "C4'" "C3'"  sing N N 36  
DA  "C4'" "H4'"  sing N N 37  
DA  "O4'" "C1'"  sing N N 38  
DA  "C3'" "O3'"  sing N N 39  
DA  "C3'" "C2'"  sing N N 40  
DA  "C3'" "H3'"  sing N N 41  
DA  "O3'" "HO3'" sing N N 42  
DA  "C2'" "C1'"  sing N N 43  
DA  "C2'" "H2'"  sing N N 44  
DA  "C2'" "H2''" sing N N 45  
DA  "C1'" N9     sing N N 46  
DA  "C1'" "H1'"  sing N N 47  
DA  N9    C8     sing Y N 48  
DA  N9    C4     sing Y N 49  
DA  C8    N7     doub Y N 50  
DA  C8    H8     sing N N 51  
DA  N7    C5     sing Y N 52  
DA  C5    C6     sing Y N 53  
DA  C5    C4     doub Y N 54  
DA  C6    N6     sing N N 55  
DA  C6    N1     doub Y N 56  
DA  N6    H61    sing N N 57  
DA  N6    H62    sing N N 58  
DA  N1    C2     sing Y N 59  
DA  C2    N3     doub Y N 60  
DA  C2    H2     sing N N 61  
DA  N3    C4     sing Y N 62  
DC  OP3   P      sing N N 63  
DC  OP3   HOP3   sing N N 64  
DC  P     OP1    doub N N 65  
DC  P     OP2    sing N N 66  
DC  P     "O5'"  sing N N 67  
DC  OP2   HOP2   sing N N 68  
DC  "O5'" "C5'"  sing N N 69  
DC  "C5'" "C4'"  sing N N 70  
DC  "C5'" "H5'"  sing N N 71  
DC  "C5'" "H5''" sing N N 72  
DC  "C4'" "O4'"  sing N N 73  
DC  "C4'" "C3'"  sing N N 74  
DC  "C4'" "H4'"  sing N N 75  
DC  "O4'" "C1'"  sing N N 76  
DC  "C3'" "O3'"  sing N N 77  
DC  "C3'" "C2'"  sing N N 78  
DC  "C3'" "H3'"  sing N N 79  
DC  "O3'" "HO3'" sing N N 80  
DC  "C2'" "C1'"  sing N N 81  
DC  "C2'" "H2'"  sing N N 82  
DC  "C2'" "H2''" sing N N 83  
DC  "C1'" N1     sing N N 84  
DC  "C1'" "H1'"  sing N N 85  
DC  N1    C2     sing N N 86  
DC  N1    C6     sing N N 87  
DC  C2    O2     doub N N 88  
DC  C2    N3     sing N N 89  
DC  N3    C4     doub N N 90  
DC  C4    N4     sing N N 91  
DC  C4    C5     sing N N 92  
DC  N4    H41    sing N N 93  
DC  N4    H42    sing N N 94  
DC  C5    C6     doub N N 95  
DC  C5    H5     sing N N 96  
DC  C6    H6     sing N N 97  
DG  OP3   P      sing N N 98  
DG  OP3   HOP3   sing N N 99  
DG  P     OP1    doub N N 100 
DG  P     OP2    sing N N 101 
DG  P     "O5'"  sing N N 102 
DG  OP2   HOP2   sing N N 103 
DG  "O5'" "C5'"  sing N N 104 
DG  "C5'" "C4'"  sing N N 105 
DG  "C5'" "H5'"  sing N N 106 
DG  "C5'" "H5''" sing N N 107 
DG  "C4'" "O4'"  sing N N 108 
DG  "C4'" "C3'"  sing N N 109 
DG  "C4'" "H4'"  sing N N 110 
DG  "O4'" "C1'"  sing N N 111 
DG  "C3'" "O3'"  sing N N 112 
DG  "C3'" "C2'"  sing N N 113 
DG  "C3'" "H3'"  sing N N 114 
DG  "O3'" "HO3'" sing N N 115 
DG  "C2'" "C1'"  sing N N 116 
DG  "C2'" "H2'"  sing N N 117 
DG  "C2'" "H2''" sing N N 118 
DG  "C1'" N9     sing N N 119 
DG  "C1'" "H1'"  sing N N 120 
DG  N9    C8     sing Y N 121 
DG  N9    C4     sing Y N 122 
DG  C8    N7     doub Y N 123 
DG  C8    H8     sing N N 124 
DG  N7    C5     sing Y N 125 
DG  C5    C6     sing N N 126 
DG  C5    C4     doub Y N 127 
DG  C6    O6     doub N N 128 
DG  C6    N1     sing N N 129 
DG  N1    C2     sing N N 130 
DG  N1    H1     sing N N 131 
DG  C2    N2     sing N N 132 
DG  C2    N3     doub N N 133 
DG  N2    H21    sing N N 134 
DG  N2    H22    sing N N 135 
DG  N3    C4     sing N N 136 
DT  OP3   P      sing N N 137 
DT  OP3   HOP3   sing N N 138 
DT  P     OP1    doub N N 139 
DT  P     OP2    sing N N 140 
DT  P     "O5'"  sing N N 141 
DT  OP2   HOP2   sing N N 142 
DT  "O5'" "C5'"  sing N N 143 
DT  "C5'" "C4'"  sing N N 144 
DT  "C5'" "H5'"  sing N N 145 
DT  "C5'" "H5''" sing N N 146 
DT  "C4'" "O4'"  sing N N 147 
DT  "C4'" "C3'"  sing N N 148 
DT  "C4'" "H4'"  sing N N 149 
DT  "O4'" "C1'"  sing N N 150 
DT  "C3'" "O3'"  sing N N 151 
DT  "C3'" "C2'"  sing N N 152 
DT  "C3'" "H3'"  sing N N 153 
DT  "O3'" "HO3'" sing N N 154 
DT  "C2'" "C1'"  sing N N 155 
DT  "C2'" "H2'"  sing N N 156 
DT  "C2'" "H2''" sing N N 157 
DT  "C1'" N1     sing N N 158 
DT  "C1'" "H1'"  sing N N 159 
DT  N1    C2     sing N N 160 
DT  N1    C6     sing N N 161 
DT  C2    O2     doub N N 162 
DT  C2    N3     sing N N 163 
DT  N3    C4     sing N N 164 
DT  N3    H3     sing N N 165 
DT  C4    O4     doub N N 166 
DT  C4    C5     sing N N 167 
DT  C5    C7     sing N N 168 
DT  C5    C6     doub N N 169 
DT  C7    H71    sing N N 170 
DT  C7    H72    sing N N 171 
DT  C7    H73    sing N N 172 
DT  C6    H6     sing N N 173 
# 
loop_
_ndb_struct_conf_na.entry_id 
_ndb_struct_conf_na.feature 
2HSS 'double helix'        
2HSS 'b-form double helix' 
# 
loop_
_ndb_struct_na_base_pair.model_number 
_ndb_struct_na_base_pair.i_label_asym_id 
_ndb_struct_na_base_pair.i_label_comp_id 
_ndb_struct_na_base_pair.i_label_seq_id 
_ndb_struct_na_base_pair.i_symmetry 
_ndb_struct_na_base_pair.j_label_asym_id 
_ndb_struct_na_base_pair.j_label_comp_id 
_ndb_struct_na_base_pair.j_label_seq_id 
_ndb_struct_na_base_pair.j_symmetry 
_ndb_struct_na_base_pair.shear 
_ndb_struct_na_base_pair.stretch 
_ndb_struct_na_base_pair.stagger 
_ndb_struct_na_base_pair.buckle 
_ndb_struct_na_base_pair.propeller 
_ndb_struct_na_base_pair.opening 
_ndb_struct_na_base_pair.pair_number 
_ndb_struct_na_base_pair.pair_name 
_ndb_struct_na_base_pair.i_auth_asym_id 
_ndb_struct_na_base_pair.i_auth_seq_id 
_ndb_struct_na_base_pair.i_PDB_ins_code 
_ndb_struct_na_base_pair.j_auth_asym_id 
_ndb_struct_na_base_pair.j_auth_seq_id 
_ndb_struct_na_base_pair.j_PDB_ins_code 
_ndb_struct_na_base_pair.hbond_type_28 
_ndb_struct_na_base_pair.hbond_type_12 
1 A DC 1  1_555 B DG 13 1_555 0.269  -0.105 -0.301 9.588   -6.175 -0.827 1  A_DC1:DG26_B  A 1  ? B 26 ? 19 1 
1 A DC 2  1_555 B DG 12 1_555 0.334  -0.137 -0.360 7.873   4.887  0.240  2  A_DC2:DG25_B  A 2  ? B 25 ? 19 1 
1 A DA 3  1_555 B DT 11 1_555 0.096  -0.041 -0.349 -5.266  -6.215 -0.158 3  A_DA3:DT24_B  A 3  ? B 24 ? 20 1 
1 A DA 4  1_555 B DT 10 1_555 0.086  -0.064 -0.187 2.249   -6.054 2.487  4  A_DA4:DT23_B  A 4  ? B 23 ? 20 1 
1 A DA 5  1_555 B DT 9  1_555 0.012  -0.085 -0.200 -0.566  -6.224 1.075  5  A_DA5:DT22_B  A 5  ? B 22 ? 20 1 
1 A DG 6  1_555 B DC 8  1_555 -0.494 -0.147 -0.008 -2.258  1.147  0.616  6  A_DG6:DC21_B  A 6  ? B 21 ? 19 1 
1 A DA 8  1_555 B DT 6  1_555 0.242  -0.041 0.088  -10.987 -0.929 0.200  7  A_DA8:DT19_B  A 8  ? B 19 ? 20 1 
1 A DC 9  1_555 B DG 5  1_555 0.541  -0.125 -0.030 5.444   0.449  0.859  8  A_DC9:DG18_B  A 9  ? B 18 ? 19 1 
1 A DC 10 1_555 B DG 4  1_555 0.387  -0.136 -0.161 0.885   0.424  0.046  9  A_DC10:DG17_B A 10 ? B 17 ? 19 1 
1 A DG 11 1_555 B DC 3  1_555 -0.483 -0.146 0.038  6.988   1.001  0.034  10 A_DG11:DC16_B A 11 ? B 16 ? 19 1 
1 A DG 12 1_555 B DC 2  1_555 -0.523 -0.178 -0.163 -5.150  -4.010 0.031  11 A_DG12:DC15_B A 12 ? B 15 ? 19 1 
1 A DG 13 1_555 B DC 1  1_555 -0.263 -0.106 -0.029 9.795   4.224  -0.783 12 A_DG13:DC14_B A 13 ? B 14 ? 19 1 
# 
loop_
_ndb_struct_na_base_pair_step.model_number 
_ndb_struct_na_base_pair_step.i_label_asym_id_1 
_ndb_struct_na_base_pair_step.i_label_comp_id_1 
_ndb_struct_na_base_pair_step.i_label_seq_id_1 
_ndb_struct_na_base_pair_step.i_symmetry_1 
_ndb_struct_na_base_pair_step.j_label_asym_id_1 
_ndb_struct_na_base_pair_step.j_label_comp_id_1 
_ndb_struct_na_base_pair_step.j_label_seq_id_1 
_ndb_struct_na_base_pair_step.j_symmetry_1 
_ndb_struct_na_base_pair_step.i_label_asym_id_2 
_ndb_struct_na_base_pair_step.i_label_comp_id_2 
_ndb_struct_na_base_pair_step.i_label_seq_id_2 
_ndb_struct_na_base_pair_step.i_symmetry_2 
_ndb_struct_na_base_pair_step.j_label_asym_id_2 
_ndb_struct_na_base_pair_step.j_label_comp_id_2 
_ndb_struct_na_base_pair_step.j_label_seq_id_2 
_ndb_struct_na_base_pair_step.j_symmetry_2 
_ndb_struct_na_base_pair_step.shift 
_ndb_struct_na_base_pair_step.slide 
_ndb_struct_na_base_pair_step.rise 
_ndb_struct_na_base_pair_step.tilt 
_ndb_struct_na_base_pair_step.roll 
_ndb_struct_na_base_pair_step.twist 
_ndb_struct_na_base_pair_step.x_displacement 
_ndb_struct_na_base_pair_step.y_displacement 
_ndb_struct_na_base_pair_step.helical_rise 
_ndb_struct_na_base_pair_step.inclination 
_ndb_struct_na_base_pair_step.tip 
_ndb_struct_na_base_pair_step.helical_twist 
_ndb_struct_na_base_pair_step.step_number 
_ndb_struct_na_base_pair_step.step_name 
_ndb_struct_na_base_pair_step.i_auth_asym_id_1 
_ndb_struct_na_base_pair_step.i_auth_seq_id_1 
_ndb_struct_na_base_pair_step.i_PDB_ins_code_1 
_ndb_struct_na_base_pair_step.j_auth_asym_id_1 
_ndb_struct_na_base_pair_step.j_auth_seq_id_1 
_ndb_struct_na_base_pair_step.j_PDB_ins_code_1 
_ndb_struct_na_base_pair_step.i_auth_asym_id_2 
_ndb_struct_na_base_pair_step.i_auth_seq_id_2 
_ndb_struct_na_base_pair_step.i_PDB_ins_code_2 
_ndb_struct_na_base_pair_step.j_auth_asym_id_2 
_ndb_struct_na_base_pair_step.j_auth_seq_id_2 
_ndb_struct_na_base_pair_step.j_PDB_ins_code_2 
1 A DC 1  1_555 B DG 13 1_555 A DC 2  1_555 B DG 12 1_555 0.063  -1.691 3.641 -0.533  3.476  31.149 -3.840 -0.226 3.435 6.447  
0.988  31.342 1  AA_DC1DC2:DG25DG26_BB   A 1  ? B 26 ? A 2  ? B 25 ? 
1 A DC 2  1_555 B DG 12 1_555 A DA 3  1_555 B DT 11 1_555 -0.784 -1.285 3.947 0.674   -0.327 35.000 -2.077 1.426  3.943 -0.543 
-1.120 35.007 2  AA_DC2DA3:DT24DG25_BB   A 2  ? B 25 ? A 3  ? B 24 ? 
1 A DA 3  1_555 B DT 11 1_555 A DA 4  1_555 B DT 10 1_555 -0.168 -0.900 3.421 -1.248  2.550  30.847 -2.195 0.065  3.342 4.780  
2.340  30.974 3  AA_DA3DA4:DT23DT24_BB   A 3  ? B 24 ? A 4  ? B 23 ? 
1 A DA 4  1_555 B DT 10 1_555 A DA 5  1_555 B DT 9  1_555 -0.239 -1.185 3.689 -2.372  6.662  29.892 -3.668 -0.059 3.361 12.692 
4.520  30.699 4  AA_DA4DA5:DT22DT23_BB   A 4  ? B 23 ? A 5  ? B 22 ? 
1 A DA 5  1_555 B DT 9  1_555 A DG 6  1_555 B DC 8  1_555 -0.598 -1.191 3.573 -3.262  4.531  28.026 -3.520 0.415  3.389 9.240  
6.652  28.566 5  AA_DA5DG6:DC21DT22_BB   A 5  ? B 22 ? A 6  ? B 21 ? 
1 A DG 6  1_555 B DC 8  1_555 A DA 8  1_555 B DT 6  1_555 -0.986 -1.504 6.375 -10.750 15.206 68.607 -2.323 0.127  6.051 13.245 
9.364  70.789 6  AA_DG6DA8:DT19DC21_BB   A 6  ? B 21 ? A 8  ? B 19 ? 
1 A DA 8  1_555 B DT 6  1_555 A DC 9  1_555 B DG 5  1_555 0.083  -0.871 3.196 0.695   2.178  30.009 -2.109 -0.022 3.128 4.198  
-1.340 30.094 7  AA_DA8DC9:DG18DT19_BB   A 8  ? B 19 ? A 9  ? B 18 ? 
1 A DC 9  1_555 B DG 5  1_555 A DC 10 1_555 B DG 4  1_555 -0.148 -1.913 3.635 0.163   -0.077 27.560 -3.994 0.354  3.639 -0.163 
-0.343 27.561 8  AA_DC9DC10:DG17DG18_BB  A 9  ? B 18 ? A 10 ? B 17 ? 
1 A DC 10 1_555 B DG 4  1_555 A DG 11 1_555 B DC 3  1_555 -0.293 -1.250 3.413 -0.998  0.023  28.291 -2.560 0.357  3.420 0.048  
2.042  28.309 9  AA_DC10DG11:DC16DG17_BB A 10 ? B 17 ? A 11 ? B 16 ? 
1 A DG 11 1_555 B DC 3  1_555 A DG 12 1_555 B DC 2  1_555 0.105  -1.674 3.775 0.491   0.744  29.930 -3.416 -0.087 3.735 1.440  
-0.950 29.943 10 AA_DG11DG12:DC15DC16_BB A 11 ? B 16 ? A 12 ? B 15 ? 
1 A DG 12 1_555 B DC 2  1_555 A DG 13 1_555 B DC 1  1_555 -0.049 -0.948 3.254 -3.036  1.058  32.042 -1.896 -0.448 3.213 1.910  
5.483  32.198 11 AA_DG12DG13:DC14DC15_BB A 12 ? B 15 ? A 13 ? B 14 ? 
# 
loop_
_pdbx_nmr_spectrometer.spectrometer_id 
_pdbx_nmr_spectrometer.model 
_pdbx_nmr_spectrometer.manufacturer 
_pdbx_nmr_spectrometer.field_strength 
_pdbx_nmr_spectrometer.type 
1 Custom-built Home-built 750 ? 
2 Custom-built Home-built 591 ? 
# 
_atom_sites.entry_id                    2HSS 
_atom_sites.fract_transf_matrix[1][1]   1.000000 
_atom_sites.fract_transf_matrix[1][2]   0.000000 
_atom_sites.fract_transf_matrix[1][3]   0.000000 
_atom_sites.fract_transf_matrix[2][1]   0.000000 
_atom_sites.fract_transf_matrix[2][2]   1.000000 
_atom_sites.fract_transf_matrix[2][3]   0.000000 
_atom_sites.fract_transf_matrix[3][1]   0.000000 
_atom_sites.fract_transf_matrix[3][2]   0.000000 
_atom_sites.fract_transf_matrix[3][3]   1.000000 
_atom_sites.fract_transf_vector[1]      0.00000 
_atom_sites.fract_transf_vector[2]      0.00000 
_atom_sites.fract_transf_vector[3]      0.00000 
# 
loop_
_atom_type.symbol 
C 
H 
N 
O 
P 
# 
loop_
_atom_site.group_PDB 
_atom_site.id 
_atom_site.type_symbol 
_atom_site.label_atom_id 
_atom_site.label_alt_id 
_atom_site.label_comp_id 
_atom_site.label_asym_id 
_atom_site.label_entity_id 
_atom_site.label_seq_id 
_atom_site.pdbx_PDB_ins_code 
_atom_site.Cartn_x 
_atom_site.Cartn_y 
_atom_site.Cartn_z 
_atom_site.occupancy 
_atom_site.B_iso_or_equiv 
_atom_site.pdbx_formal_charge 
_atom_site.auth_seq_id 
_atom_site.auth_comp_id 
_atom_site.auth_asym_id 
_atom_site.auth_atom_id 
_atom_site.pdbx_PDB_model_num 
ATOM   1   O "O5'"  . DC  A 1 1  ? -18.204 15.776  -0.801  1.00 0.00 ? 1  DC  A "O5'"  1 
ATOM   2   C "C5'"  . DC  A 1 1  ? -17.312 14.712  -0.540  1.00 0.00 ? 1  DC  A "C5'"  1 
ATOM   3   C "C4'"  . DC  A 1 1  ? -17.079 13.832  -1.776  1.00 0.00 ? 1  DC  A "C4'"  1 
ATOM   4   O "O4'"  . DC  A 1 1  ? -16.471 14.564  -2.829  1.00 0.00 ? 1  DC  A "O4'"  1 
ATOM   5   C "C3'"  . DC  A 1 1  ? -16.108 12.688  -1.466  1.00 0.00 ? 1  DC  A "C3'"  1 
ATOM   6   O "O3'"  . DC  A 1 1  ? -16.791 11.504  -1.077  1.00 0.00 ? 1  DC  A "O3'"  1 
ATOM   7   C "C2'"  . DC  A 1 1  ? -15.329 12.524  -2.771  1.00 0.00 ? 1  DC  A "C2'"  1 
ATOM   8   C "C1'"  . DC  A 1 1  ? -15.877 13.612  -3.692  1.00 0.00 ? 1  DC  A "C1'"  1 
ATOM   9   N N1     . DC  A 1 1  ? -14.778 14.201  -4.499  1.00 0.00 ? 1  DC  A N1     1 
ATOM   10  C C2     . DC  A 1 1  ? -14.517 13.683  -5.774  1.00 0.00 ? 1  DC  A C2     1 
ATOM   11  O O2     . DC  A 1 1  ? -15.210 12.794  -6.275  1.00 0.00 ? 1  DC  A O2     1 
ATOM   12  N N3     . DC  A 1 1  ? -13.474 14.140  -6.507  1.00 0.00 ? 1  DC  A N3     1 
ATOM   13  C C4     . DC  A 1 1  ? -12.704 15.070  -5.983  1.00 0.00 ? 1  DC  A C4     1 
ATOM   14  N N4     . DC  A 1 1  ? -11.717 15.477  -6.725  1.00 0.00 ? 1  DC  A N4     1 
ATOM   15  C C5     . DC  A 1 1  ? -12.894 15.613  -4.685  1.00 0.00 ? 1  DC  A C5     1 
ATOM   16  C C6     . DC  A 1 1  ? -13.945 15.151  -3.964  1.00 0.00 ? 1  DC  A C6     1 
ATOM   17  H "H5'"  . DC  A 1 1  ? -17.732 14.102  0.250   1.00 0.00 ? 1  DC  A "H5'"  1 
ATOM   18  H "H5''" . DC  A 1 1  ? -16.364 15.113  -0.190  1.00 0.00 ? 1  DC  A "H5''" 1 
ATOM   19  H "H4'"  . DC  A 1 1  ? -18.028 13.414  -2.118  1.00 0.00 ? 1  DC  A "H4'"  1 
ATOM   20  H "H3'"  . DC  A 1 1  ? -15.418 13.015  -0.684  1.00 0.00 ? 1  DC  A "H3'"  1 
ATOM   21  H "H2'"  . DC  A 1 1  ? -14.269 12.677  -2.567  1.00 0.00 ? 1  DC  A "H2'"  1 
ATOM   22  H "H2''" . DC  A 1 1  ? -15.490 11.553  -3.232  1.00 0.00 ? 1  DC  A "H2''" 1 
ATOM   23  H "H1'"  . DC  A 1 1  ? -16.644 13.179  -4.345  1.00 0.00 ? 1  DC  A "H1'"  1 
ATOM   24  H H41    . DC  A 1 1  ? -11.583 15.019  -7.621  1.00 0.00 ? 1  DC  A H41    1 
ATOM   25  H H42    . DC  A 1 1  ? -11.098 16.193  -6.387  1.00 0.00 ? 1  DC  A H42    1 
ATOM   26  H H5     . DC  A 1 1  ? -12.235 16.359  -4.268  1.00 0.00 ? 1  DC  A H5     1 
ATOM   27  H H6     . DC  A 1 1  ? -14.142 15.519  -2.962  1.00 0.00 ? 1  DC  A H6     1 
ATOM   28  H "HO5'" . DC  A 1 1  ? -17.840 16.294  -1.549  1.00 0.00 ? 1  DC  A "HO5'" 1 
ATOM   29  P P      . DC  A 1 2  ? -16.005 10.229  -0.481  1.00 0.00 ? 2  DC  A P      1 
ATOM   30  O OP1    . DC  A 1 2  ? -16.983 9.366   0.216   1.00 0.00 ? 2  DC  A OP1    1 
ATOM   31  O OP2    . DC  A 1 2  ? -14.841 10.712  0.292   1.00 0.00 ? 2  DC  A OP2    1 
ATOM   32  O "O5'"  . DC  A 1 2  ? -15.450 9.446   -1.770  1.00 0.00 ? 2  DC  A "O5'"  1 
ATOM   33  C "C5'"  . DC  A 1 2  ? -16.337 8.870   -2.721  1.00 0.00 ? 2  DC  A "C5'"  1 
ATOM   34  C "C4'"  . DC  A 1 2  ? -15.584 8.159   -3.848  1.00 0.00 ? 2  DC  A "C4'"  1 
ATOM   35  O "O4'"  . DC  A 1 2  ? -14.940 9.126   -4.667  1.00 0.00 ? 2  DC  A "O4'"  1 
ATOM   36  C "C3'"  . DC  A 1 2  ? -14.541 7.140   -3.349  1.00 0.00 ? 2  DC  A "C3'"  1 
ATOM   37  O "O3'"  . DC  A 1 2  ? -14.840 5.865   -3.899  1.00 0.00 ? 2  DC  A "O3'"  1 
ATOM   38  C "C2'"  . DC  A 1 2  ? -13.231 7.745   -3.851  1.00 0.00 ? 2  DC  A "C2'"  1 
ATOM   39  C "C1'"  . DC  A 1 2  ? -13.662 8.635   -5.014  1.00 0.00 ? 2  DC  A "C1'"  1 
ATOM   40  N N1     . DC  A 1 2  ? -12.712 9.761   -5.226  1.00 0.00 ? 2  DC  A N1     1 
ATOM   41  C C2     . DC  A 1 2  ? -11.929 9.777   -6.383  1.00 0.00 ? 2  DC  A C2     1 
ATOM   42  O O2     . DC  A 1 2  ? -12.039 8.917   -7.256  1.00 0.00 ? 2  DC  A O2     1 
ATOM   43  N N3     . DC  A 1 2  ? -11.005 10.747  -6.586  1.00 0.00 ? 2  DC  A N3     1 
ATOM   44  C C4     . DC  A 1 2  ? -10.860 11.671  -5.662  1.00 0.00 ? 2  DC  A C4     1 
ATOM   45  N N4     . DC  A 1 2  ? -9.919  12.540  -5.881  1.00 0.00 ? 2  DC  A N4     1 
ATOM   46  C C5     . DC  A 1 2  ? -11.621 11.715  -4.465  1.00 0.00 ? 2  DC  A C5     1 
ATOM   47  C C6     . DC  A 1 2  ? -12.543 10.737  -4.275  1.00 0.00 ? 2  DC  A C6     1 
ATOM   48  H "H5'"  . DC  A 1 2  ? -16.962 9.648   -3.163  1.00 0.00 ? 2  DC  A "H5'"  1 
ATOM   49  H "H5''" . DC  A 1 2  ? -16.984 8.144   -2.229  1.00 0.00 ? 2  DC  A "H5''" 1 
ATOM   50  H "H4'"  . DC  A 1 2  ? -16.318 7.628   -4.456  1.00 0.00 ? 2  DC  A "H4'"  1 
ATOM   51  H "H3'"  . DC  A 1 2  ? -14.531 7.085   -2.259  1.00 0.00 ? 2  DC  A "H3'"  1 
ATOM   52  H "H2'"  . DC  A 1 2  ? -12.791 8.332   -3.046  1.00 0.00 ? 2  DC  A "H2'"  1 
ATOM   53  H "H2''" . DC  A 1 2  ? -12.523 6.993   -4.182  1.00 0.00 ? 2  DC  A "H2''" 1 
ATOM   54  H "H1'"  . DC  A 1 2  ? -13.746 8.018   -5.915  1.00 0.00 ? 2  DC  A "H1'"  1 
ATOM   55  H H41    . DC  A 1 2  ? -9.359  12.421  -6.718  1.00 0.00 ? 2  DC  A H41    1 
ATOM   56  H H42    . DC  A 1 2  ? -9.722  13.247  -5.195  1.00 0.00 ? 2  DC  A H42    1 
ATOM   57  H H5     . DC  A 1 2  ? -11.474 12.480  -3.719  1.00 0.00 ? 2  DC  A H5     1 
ATOM   58  H H6     . DC  A 1 2  ? -13.148 10.700  -3.376  1.00 0.00 ? 2  DC  A H6     1 
ATOM   59  P P      . DA  A 1 3  ? -13.977 4.536   -3.608  1.00 0.00 ? 3  DA  A P      1 
ATOM   60  O OP1    . DA  A 1 3  ? -14.896 3.449   -3.217  1.00 0.00 ? 3  DA  A OP1    1 
ATOM   61  O OP2    . DA  A 1 3  ? -12.819 4.836   -2.737  1.00 0.00 ? 3  DA  A OP2    1 
ATOM   62  O "O5'"  . DA  A 1 3  ? -13.474 4.262   -5.102  1.00 0.00 ? 3  DA  A "O5'"  1 
ATOM   63  C "C5'"  . DA  A 1 3  ? -12.440 3.345   -5.403  1.00 0.00 ? 3  DA  A "C5'"  1 
ATOM   64  C "C4'"  . DA  A 1 3  ? -12.259 3.293   -6.927  1.00 0.00 ? 3  DA  A "C4'"  1 
ATOM   65  O "O4'"  . DA  A 1 3  ? -11.898 4.572   -7.451  1.00 0.00 ? 3  DA  A "O4'"  1 
ATOM   66  C "C3'"  . DA  A 1 3  ? -11.120 2.333   -7.275  1.00 0.00 ? 3  DA  A "C3'"  1 
ATOM   67  O "O3'"  . DA  A 1 3  ? -11.342 1.718   -8.537  1.00 0.00 ? 3  DA  A "O3'"  1 
ATOM   68  C "C2'"  . DA  A 1 3  ? -9.921  3.273   -7.283  1.00 0.00 ? 3  DA  A "C2'"  1 
ATOM   69  C "C1'"  . DA  A 1 3  ? -10.513 4.598   -7.758  1.00 0.00 ? 3  DA  A "C1'"  1 
ATOM   70  N N9     . DA  A 1 3  ? -9.857  5.730   -7.071  1.00 0.00 ? 3  DA  A N9     1 
ATOM   71  C C8     . DA  A 1 3  ? -10.156 6.263   -5.841  1.00 0.00 ? 3  DA  A C8     1 
ATOM   72  N N7     . DA  A 1 3  ? -9.376  7.245   -5.467  1.00 0.00 ? 3  DA  A N7     1 
ATOM   73  C C5     . DA  A 1 3  ? -8.477  7.343   -6.542  1.00 0.00 ? 3  DA  A C5     1 
ATOM   74  C C6     . DA  A 1 3  ? -7.358  8.156   -6.834  1.00 0.00 ? 3  DA  A C6     1 
ATOM   75  N N6     . DA  A 1 3  ? -6.900  9.106   -6.044  1.00 0.00 ? 3  DA  A N6     1 
ATOM   76  N N1     . DA  A 1 3  ? -6.665  8.002   -7.964  1.00 0.00 ? 3  DA  A N1     1 
ATOM   77  C C2     . DA  A 1 3  ? -7.050  7.057   -8.813  1.00 0.00 ? 3  DA  A C2     1 
ATOM   78  N N3     . DA  A 1 3  ? -8.072  6.218   -8.683  1.00 0.00 ? 3  DA  A N3     1 
ATOM   79  C C4     . DA  A 1 3  ? -8.754  6.419   -7.516  1.00 0.00 ? 3  DA  A C4     1 
ATOM   80  H "H5'"  . DA  A 1 3  ? -12.711 2.348   -5.045  1.00 0.00 ? 3  DA  A "H5'"  1 
ATOM   81  H "H5''" . DA  A 1 3  ? -11.511 3.647   -4.918  1.00 0.00 ? 3  DA  A "H5''" 1 
ATOM   82  H "H4'"  . DA  A 1 3  ? -13.192 2.952   -7.379  1.00 0.00 ? 3  DA  A "H4'"  1 
ATOM   83  H "H3'"  . DA  A 1 3  ? -11.012 1.580   -6.491  1.00 0.00 ? 3  DA  A "H3'"  1 
ATOM   84  H "H2'"  . DA  A 1 3  ? -9.538  3.370   -6.265  1.00 0.00 ? 3  DA  A "H2'"  1 
ATOM   85  H "H2''" . DA  A 1 3  ? -9.132  2.942   -7.953  1.00 0.00 ? 3  DA  A "H2''" 1 
ATOM   86  H "H1'"  . DA  A 1 3  ? -10.378 4.687   -8.841  1.00 0.00 ? 3  DA  A "H1'"  1 
ATOM   87  H H8     . DA  A 1 3  ? -10.979 5.885   -5.247  1.00 0.00 ? 3  DA  A H8     1 
ATOM   88  H H61    . DA  A 1 3  ? -6.095  9.649   -6.336  1.00 0.00 ? 3  DA  A H61    1 
ATOM   89  H H62    . DA  A 1 3  ? -7.359  9.272   -5.162  1.00 0.00 ? 3  DA  A H62    1 
ATOM   90  H H2     . DA  A 1 3  ? -6.460  6.958   -9.715  1.00 0.00 ? 3  DA  A H2     1 
ATOM   91  P P      . DA  A 1 4  ? -10.647 0.314   -8.908  1.00 0.00 ? 4  DA  A P      1 
ATOM   92  O OP1    . DA  A 1 4  ? -11.240 -0.177  -10.169 1.00 0.00 ? 4  DA  A OP1    1 
ATOM   93  O OP2    . DA  A 1 4  ? -10.720 -0.570  -7.726  1.00 0.00 ? 4  DA  A OP2    1 
ATOM   94  O "O5'"  . DA  A 1 4  ? -9.102  0.678   -9.163  1.00 0.00 ? 4  DA  A "O5'"  1 
ATOM   95  C "C5'"  . DA  A 1 4  ? -8.666  1.272   -10.380 1.00 0.00 ? 4  DA  A "C5'"  1 
ATOM   96  C "C4'"  . DA  A 1 4  ? -7.154  1.535   -10.382 1.00 0.00 ? 4  DA  A "C4'"  1 
ATOM   97  O "O4'"  . DA  A 1 4  ? -6.864  2.690   -9.607  1.00 0.00 ? 4  DA  A "O4'"  1 
ATOM   98  C "C3'"  . DA  A 1 4  ? -6.306  0.367   -9.841  1.00 0.00 ? 4  DA  A "C3'"  1 
ATOM   99  O "O3'"  . DA  A 1 4  ? -5.336  0.015   -10.821 1.00 0.00 ? 4  DA  A "O3'"  1 
ATOM   100 C "C2'"  . DA  A 1 4  ? -5.706  0.958   -8.563  1.00 0.00 ? 4  DA  A "C2'"  1 
ATOM   101 C "C1'"  . DA  A 1 4  ? -5.675  2.446   -8.887  1.00 0.00 ? 4  DA  A "C1'"  1 
ATOM   102 N N9     . DA  A 1 4  ? -5.658  3.310   -7.688  1.00 0.00 ? 4  DA  A N9     1 
ATOM   103 C C8     . DA  A 1 4  ? -6.473  3.286   -6.579  1.00 0.00 ? 4  DA  A C8     1 
ATOM   104 N N7     . DA  A 1 4  ? -6.242  4.246   -5.718  1.00 0.00 ? 4  DA  A N7     1 
ATOM   105 C C5     . DA  A 1 4  ? -5.168  4.934   -6.307  1.00 0.00 ? 4  DA  A C5     1 
ATOM   106 C C6     . DA  A 1 4  ? -4.383  6.058   -5.959  1.00 0.00 ? 4  DA  A C6     1 
ATOM   107 N N6     . DA  A 1 4  ? -4.524  6.777   -4.863  1.00 0.00 ? 4  DA  A N6     1 
ATOM   108 N N1     . DA  A 1 4  ? -3.398  6.482   -6.751  1.00 0.00 ? 4  DA  A N1     1 
ATOM   109 C C2     . DA  A 1 4  ? -3.166  5.829   -7.881  1.00 0.00 ? 4  DA  A C2     1 
ATOM   110 N N3     . DA  A 1 4  ? -3.808  4.763   -8.342  1.00 0.00 ? 4  DA  A N3     1 
ATOM   111 C C4     . DA  A 1 4  ? -4.805  4.366   -7.499  1.00 0.00 ? 4  DA  A C4     1 
ATOM   112 H "H5'"  . DA  A 1 4  ? -9.187  2.218   -10.546 1.00 0.00 ? 4  DA  A "H5'"  1 
ATOM   113 H "H5''" . DA  A 1 4  ? -8.895  0.604   -11.210 1.00 0.00 ? 4  DA  A "H5''" 1 
ATOM   114 H "H4'"  . DA  A 1 4  ? -6.852  1.735   -11.411 1.00 0.00 ? 4  DA  A "H4'"  1 
ATOM   115 H "H3'"  . DA  A 1 4  ? -6.928  -0.496  -9.598  1.00 0.00 ? 4  DA  A "H3'"  1 
ATOM   116 H "H2'"  . DA  A 1 4  ? -6.382  0.760   -7.732  1.00 0.00 ? 4  DA  A "H2'"  1 
ATOM   117 H "H2''" . DA  A 1 4  ? -4.711  0.577   -8.337  1.00 0.00 ? 4  DA  A "H2''" 1 
ATOM   118 H "H1'"  . DA  A 1 4  ? -4.803  2.660   -9.514  1.00 0.00 ? 4  DA  A "H1'"  1 
ATOM   119 H H8     . DA  A 1 4  ? -7.253  2.544   -6.451  1.00 0.00 ? 4  DA  A H8     1 
ATOM   120 H H61    . DA  A 1 4  ? -3.901  7.562   -4.712  1.00 0.00 ? 4  DA  A H61    1 
ATOM   121 H H62    . DA  A 1 4  ? -5.241  6.534   -4.198  1.00 0.00 ? 4  DA  A H62    1 
ATOM   122 H H2     . DA  A 1 4  ? -2.360  6.204   -8.498  1.00 0.00 ? 4  DA  A H2     1 
ATOM   123 P P      . DA  A 1 5  ? -4.280  -1.183  -10.616 1.00 0.00 ? 5  DA  A P      1 
ATOM   124 O OP1    . DA  A 1 5  ? -3.985  -1.768  -11.941 1.00 0.00 ? 5  DA  A OP1    1 
ATOM   125 O OP2    . DA  A 1 5  ? -4.755  -2.088  -9.549  1.00 0.00 ? 5  DA  A OP2    1 
ATOM   126 O "O5'"  . DA  A 1 5  ? -2.973  -0.410  -10.089 1.00 0.00 ? 5  DA  A "O5'"  1 
ATOM   127 C "C5'"  . DA  A 1 5  ? -2.297  0.515   -10.932 1.00 0.00 ? 5  DA  A "C5'"  1 
ATOM   128 C "C4'"  . DA  A 1 5  ? -1.001  1.054   -10.323 1.00 0.00 ? 5  DA  A "C4'"  1 
ATOM   129 O "O4'"  . DA  A 1 5  ? -1.310  2.016   -9.324  1.00 0.00 ? 5  DA  A "O4'"  1 
ATOM   130 C "C3'"  . DA  A 1 5  ? -0.092  -0.024  -9.703  1.00 0.00 ? 5  DA  A "C3'"  1 
ATOM   131 O "O3'"  . DA  A 1 5  ? 1.219   0.101   -10.245 1.00 0.00 ? 5  DA  A "O3'"  1 
ATOM   132 C "C2'"  . DA  A 1 5  ? -0.163  0.312   -8.213  1.00 0.00 ? 5  DA  A "C2'"  1 
ATOM   133 C "C1'"  . DA  A 1 5  ? -0.426  1.814   -8.243  1.00 0.00 ? 5  DA  A "C1'"  1 
ATOM   134 N N9     . DA  A 1 5  ? -1.069  2.317   -7.013  1.00 0.00 ? 5  DA  A N9     1 
ATOM   135 C C8     . DA  A 1 5  ? -2.213  1.876   -6.389  1.00 0.00 ? 5  DA  A C8     1 
ATOM   136 N N7     . DA  A 1 5  ? -2.544  2.556   -5.320  1.00 0.00 ? 5  DA  A N7     1 
ATOM   137 C C5     . DA  A 1 5  ? -1.524  3.519   -5.245  1.00 0.00 ? 5  DA  A C5     1 
ATOM   138 C C6     . DA  A 1 5  ? -1.218  4.585   -4.368  1.00 0.00 ? 5  DA  A C6     1 
ATOM   139 N N6     . DA  A 1 5  ? -1.924  4.905   -3.299  1.00 0.00 ? 5  DA  A N6     1 
ATOM   140 N N1     . DA  A 1 5  ? -0.157  5.363   -4.575  1.00 0.00 ? 5  DA  A N1     1 
ATOM   141 C C2     . DA  A 1 5  ? 0.617   5.114   -5.623  1.00 0.00 ? 5  DA  A C2     1 
ATOM   142 N N3     . DA  A 1 5  ? 0.471   4.154   -6.526  1.00 0.00 ? 5  DA  A N3     1 
ATOM   143 C C4     . DA  A 1 5  ? -0.629  3.385   -6.275  1.00 0.00 ? 5  DA  A C4     1 
ATOM   144 H "H5'"  . DA  A 1 5  ? -2.955  1.358   -11.153 1.00 0.00 ? 5  DA  A "H5'"  1 
ATOM   145 H "H5''" . DA  A 1 5  ? -2.046  0.025   -11.873 1.00 0.00 ? 5  DA  A "H5''" 1 
ATOM   146 H "H4'"  . DA  A 1 5  ? -0.447  1.557   -11.118 1.00 0.00 ? 5  DA  A "H4'"  1 
ATOM   147 H "H3'"  . DA  A 1 5  ? -0.487  -1.026  -9.888  1.00 0.00 ? 5  DA  A "H3'"  1 
ATOM   148 H "H2'"  . DA  A 1 5  ? -1.005  -0.219  -7.770  1.00 0.00 ? 5  DA  A "H2'"  1 
ATOM   149 H "H2''" . DA  A 1 5  ? 0.756   0.075   -7.679  1.00 0.00 ? 5  DA  A "H2''" 1 
ATOM   150 H "H1'"  . DA  A 1 5  ? 0.514   2.345   -8.425  1.00 0.00 ? 5  DA  A "H1'"  1 
ATOM   151 H H8     . DA  A 1 5  ? -2.791  1.044   -6.772  1.00 0.00 ? 5  DA  A H8     1 
ATOM   152 H H61    . DA  A 1 5  ? -1.638  5.694   -2.731  1.00 0.00 ? 5  DA  A H61    1 
ATOM   153 H H62    . DA  A 1 5  ? -2.731  4.351   -3.063  1.00 0.00 ? 5  DA  A H62    1 
ATOM   154 H H2     . DA  A 1 5  ? 1.471   5.766   -5.757  1.00 0.00 ? 5  DA  A H2     1 
ATOM   155 P P      . DG  A 1 6  ? 2.426   -0.903  -9.875  1.00 0.00 ? 6  DG  A P      1 
ATOM   156 O OP1    . DG  A 1 6  ? 3.203   -1.163  -11.107 1.00 0.00 ? 6  DG  A OP1    1 
ATOM   157 O OP2    . DG  A 1 6  ? 1.901   -2.066  -9.131  1.00 0.00 ? 6  DG  A OP2    1 
ATOM   158 O "O5'"  . DG  A 1 6  ? 3.325   -0.032  -8.865  1.00 0.00 ? 6  DG  A "O5'"  1 
ATOM   159 C "C5'"  . DG  A 1 6  ? 4.009   1.129   -9.321  1.00 0.00 ? 6  DG  A "C5'"  1 
ATOM   160 C "C4'"  . DG  A 1 6  ? 4.936   1.740   -8.266  1.00 0.00 ? 6  DG  A "C4'"  1 
ATOM   161 O "O4'"  . DG  A 1 6  ? 4.163   2.396   -7.273  1.00 0.00 ? 6  DG  A "O4'"  1 
ATOM   162 C "C3'"  . DG  A 1 6  ? 5.849   0.716   -7.572  1.00 0.00 ? 6  DG  A "C3'"  1 
ATOM   163 O "O3'"  . DG  A 1 6  ? 7.161   1.242   -7.466  1.00 0.00 ? 6  DG  A "O3'"  1 
ATOM   164 C "C2'"  . DG  A 1 6  ? 5.221   0.593   -6.187  1.00 0.00 ? 6  DG  A "C2'"  1 
ATOM   165 C "C1'"  . DG  A 1 6  ? 4.631   1.989   -6.003  1.00 0.00 ? 6  DG  A "C1'"  1 
ATOM   166 N N9     . DG  A 1 6  ? 3.511   2.031   -5.043  1.00 0.00 ? 6  DG  A N9     1 
ATOM   167 C C8     . DG  A 1 6  ? 2.346   1.302   -5.031  1.00 0.00 ? 6  DG  A C8     1 
ATOM   168 N N7     . DG  A 1 6  ? 1.527   1.613   -4.057  1.00 0.00 ? 6  DG  A N7     1 
ATOM   169 C C5     . DG  A 1 6  ? 2.212   2.626   -3.368  1.00 0.00 ? 6  DG  A C5     1 
ATOM   170 C C6     . DG  A 1 6  ? 1.870   3.396   -2.199  1.00 0.00 ? 6  DG  A C6     1 
ATOM   171 O O6     . DG  A 1 6  ? 0.861   3.340   -1.495  1.00 0.00 ? 6  DG  A O6     1 
ATOM   172 N N1     . DG  A 1 6  ? 2.838   4.313   -1.842  1.00 0.00 ? 6  DG  A N1     1 
ATOM   173 C C2     . DG  A 1 6  ? 4.012   4.467   -2.498  1.00 0.00 ? 6  DG  A C2     1 
ATOM   174 N N2     . DG  A 1 6  ? 4.870   5.317   -2.012  1.00 0.00 ? 6  DG  A N2     1 
ATOM   175 N N3     . DG  A 1 6  ? 4.381   3.777   -3.572  1.00 0.00 ? 6  DG  A N3     1 
ATOM   176 C C4     . DG  A 1 6  ? 3.430   2.876   -3.965  1.00 0.00 ? 6  DG  A C4     1 
ATOM   177 H "H5'"  . DG  A 1 6  ? 3.284   1.884   -9.628  1.00 0.00 ? 6  DG  A "H5'"  1 
ATOM   178 H "H5''" . DG  A 1 6  ? 4.620   0.867   -10.185 1.00 0.00 ? 6  DG  A "H5''" 1 
ATOM   179 H "H4'"  . DG  A 1 6  ? 5.564   2.479   -8.764  1.00 0.00 ? 6  DG  A "H4'"  1 
ATOM   180 H "H3'"  . DG  A 1 6  ? 5.847   -0.241  -8.103  1.00 0.00 ? 6  DG  A "H3'"  1 
ATOM   181 H "H2'"  . DG  A 1 6  ? 4.440   -0.167  -6.202  1.00 0.00 ? 6  DG  A "H2'"  1 
ATOM   182 H "H2''" . DG  A 1 6  ? 5.959   0.368   -5.416  1.00 0.00 ? 6  DG  A "H2''" 1 
ATOM   183 H "H1'"  . DG  A 1 6  ? 5.425   2.666   -5.673  1.00 0.00 ? 6  DG  A "H1'"  1 
ATOM   184 H H8     . DG  A 1 6  ? 2.141   0.549   -5.782  1.00 0.00 ? 6  DG  A H8     1 
ATOM   185 H H1     . DG  A 1 6  ? 2.655   4.879   -1.027  1.00 0.00 ? 6  DG  A H1     1 
ATOM   186 H H21    . DG  A 1 6  ? 4.630   5.869   -1.191  1.00 0.00 ? 6  DG  A H21    1 
ATOM   187 H H22    . DG  A 1 6  ? 5.759   5.407   -2.472  1.00 0.00 ? 6  DG  A H22    1 
HETATM 188 P P      . AAB A 1 7  ? 8.447   0.283   -7.416  1.00 0.00 ? 7  AAB A P      1 
HETATM 189 O O2P    . AAB A 1 7  ? 8.150   -0.921  -6.609  1.00 0.00 ? 7  AAB A O2P    1 
HETATM 190 O O3P    . AAB A 1 7  ? 8.921   0.098   -8.802  1.00 0.00 ? 7  AAB A O3P    1 
HETATM 191 O "O5'"  . AAB A 1 7  ? 9.524   1.177   -6.647  1.00 0.00 ? 7  AAB A "O5'"  1 
HETATM 192 C "C5'"  . AAB A 1 7  ? 9.339   1.540   -5.291  1.00 0.00 ? 7  AAB A "C5'"  1 
HETATM 193 C "C4'"  . AAB A 1 7  ? 10.426  2.536   -4.870  1.00 0.00 ? 7  AAB A "C4'"  1 
HETATM 194 O "O4'"  . AAB A 1 7  ? 10.171  3.794   -5.491  1.00 0.00 ? 7  AAB A "O4'"  1 
HETATM 195 C "C1'"  . AAB A 1 7  ? 10.066  4.762   -4.474  1.00 0.00 ? 7  AAB A "C1'"  1 
HETATM 196 O "O1'"  . AAB A 1 7  ? 9.204   5.801   -4.836  1.00 0.00 ? 7  AAB A "O1'"  1 
HETATM 197 C "C2'"  . AAB A 1 7  ? 9.547   4.017   -3.256  1.00 0.00 ? 7  AAB A "C2'"  1 
HETATM 198 C "C3'"  . AAB A 1 7  ? 10.422  2.784   -3.356  1.00 0.00 ? 7  AAB A "C3'"  1 
HETATM 199 O "O3'"  . AAB A 1 7  ? 11.732  3.107   -2.911  1.00 0.00 ? 7  AAB A "O3'"  1 
HETATM 200 H "H5'1" . AAB A 1 7  ? 9.406   0.649   -4.667  1.00 0.00 ? 7  AAB A "H5'1" 1 
HETATM 201 H "H5'2" . AAB A 1 7  ? 8.358   1.996   -5.155  1.00 0.00 ? 7  AAB A "H5'2" 1 
HETATM 202 H "H4'"  . AAB A 1 7  ? 11.399  2.148   -5.169  1.00 0.00 ? 7  AAB A "H4'"  1 
HETATM 203 H "H1'"  . AAB A 1 7  ? 11.051  5.172   -4.259  1.00 0.00 ? 7  AAB A "H1'"  1 
HETATM 204 H "HO1'" . AAB A 1 7  ? 8.623   5.420   -5.510  1.00 0.00 ? 7  AAB A "HO1'" 1 
HETATM 205 H "H2'1" . AAB A 1 7  ? 8.497   3.750   -3.378  1.00 0.00 ? 7  AAB A "H2'1" 1 
HETATM 206 H "H2'2" . AAB A 1 7  ? 9.719   4.571   -2.334  1.00 0.00 ? 7  AAB A "H2'2" 1 
HETATM 207 H "H3'"  . AAB A 1 7  ? 9.989   1.954   -2.793  1.00 0.00 ? 7  AAB A "H3'"  1 
ATOM   208 P P      . DA  A 1 8  ? 12.602  2.065   -2.069  1.00 0.00 ? 8  DA  A P      1 
ATOM   209 O OP1    . DA  A 1 8  ? 14.002  2.537   -2.034  1.00 0.00 ? 8  DA  A OP1    1 
ATOM   210 O OP2    . DA  A 1 8  ? 12.328  0.700   -2.560  1.00 0.00 ? 8  DA  A OP2    1 
ATOM   211 O "O5'"  . DA  A 1 8  ? 11.955  2.246   -0.616  1.00 0.00 ? 8  DA  A "O5'"  1 
ATOM   212 C "C5'"  . DA  A 1 8  ? 12.068  3.487   0.070   1.00 0.00 ? 8  DA  A "C5'"  1 
ATOM   213 C "C4'"  . DA  A 1 8  ? 11.561  3.393   1.508   1.00 0.00 ? 8  DA  A "C4'"  1 
ATOM   214 O "O4'"  . DA  A 1 8  ? 10.144  3.299   1.493   1.00 0.00 ? 8  DA  A "O4'"  1 
ATOM   215 C "C3'"  . DA  A 1 8  ? 12.153  2.191   2.263   1.00 0.00 ? 8  DA  A "C3'"  1 
ATOM   216 O "O3'"  . DA  A 1 8  ? 12.877  2.622   3.410   1.00 0.00 ? 8  DA  A "O3'"  1 
ATOM   217 C "C2'"  . DA  A 1 8  ? 10.917  1.360   2.595   1.00 0.00 ? 8  DA  A "C2'"  1 
ATOM   218 C "C1'"  . DA  A 1 8  ? 9.746   2.323   2.431   1.00 0.00 ? 8  DA  A "C1'"  1 
ATOM   219 N N9     . DA  A 1 8  ? 8.557   1.614   1.918   1.00 0.00 ? 8  DA  A N9     1 
ATOM   220 C C8     . DA  A 1 8  ? 8.363   1.054   0.675   1.00 0.00 ? 8  DA  A C8     1 
ATOM   221 N N7     . DA  A 1 8  ? 7.214   0.443   0.532   1.00 0.00 ? 8  DA  A N7     1 
ATOM   222 C C5     . DA  A 1 8  ? 6.612   0.627   1.789   1.00 0.00 ? 8  DA  A C5     1 
ATOM   223 C C6     . DA  A 1 8  ? 5.376   0.260   2.370   1.00 0.00 ? 8  DA  A C6     1 
ATOM   224 N N6     . DA  A 1 8  ? 4.425   -0.413  1.751   1.00 0.00 ? 8  DA  A N6     1 
ATOM   225 N N1     . DA  A 1 8  ? 5.075   0.595   3.626   1.00 0.00 ? 8  DA  A N1     1 
ATOM   226 C C2     . DA  A 1 8  ? 5.972   1.274   4.328   1.00 0.00 ? 8  DA  A C2     1 
ATOM   227 N N3     . DA  A 1 8  ? 7.168   1.690   3.930   1.00 0.00 ? 8  DA  A N3     1 
ATOM   228 C C4     . DA  A 1 8  ? 7.423   1.334   2.637   1.00 0.00 ? 8  DA  A C4     1 
ATOM   229 H "H5'"  . DA  A 1 8  ? 11.503  4.259   -0.454  1.00 0.00 ? 8  DA  A "H5'"  1 
ATOM   230 H "H5''" . DA  A 1 8  ? 13.115  3.790   0.105   1.00 0.00 ? 8  DA  A "H5''" 1 
ATOM   231 H "H4'"  . DA  A 1 8  ? 11.843  4.308   2.029   1.00 0.00 ? 8  DA  A "H4'"  1 
ATOM   232 H "H3'"  . DA  A 1 8  ? 12.809  1.616   1.607   1.00 0.00 ? 8  DA  A "H3'"  1 
ATOM   233 H "H2'"  . DA  A 1 8  ? 10.846  0.540   1.878   1.00 0.00 ? 8  DA  A "H2'"  1 
ATOM   234 H "H2''" . DA  A 1 8  ? 10.934  0.968   3.607   1.00 0.00 ? 8  DA  A "H2''" 1 
ATOM   235 H "H1'"  . DA  A 1 8  ? 9.524   2.795   3.393   1.00 0.00 ? 8  DA  A "H1'"  1 
ATOM   236 H H8     . DA  A 1 8  ? 9.112   1.126   -0.107  1.00 0.00 ? 8  DA  A H8     1 
ATOM   237 H H61    . DA  A 1 8  ? 3.553   -0.580  2.239   1.00 0.00 ? 8  DA  A H61    1 
ATOM   238 H H62    . DA  A 1 8  ? 4.570   -0.705  0.798   1.00 0.00 ? 8  DA  A H62    1 
ATOM   239 H H2     . DA  A 1 8  ? 5.694   1.520   5.346   1.00 0.00 ? 8  DA  A H2     1 
ATOM   240 P P      . DC  A 1 9  ? 13.795  1.609   4.273   1.00 0.00 ? 9  DC  A P      1 
ATOM   241 O OP1    . DC  A 1 9  ? 14.817  2.400   4.993   1.00 0.00 ? 9  DC  A OP1    1 
ATOM   242 O OP2    . DC  A 1 9  ? 14.257  0.509   3.403   1.00 0.00 ? 9  DC  A OP2    1 
ATOM   243 O "O5'"  . DC  A 1 9  ? 12.772  0.993   5.343   1.00 0.00 ? 9  DC  A "O5'"  1 
ATOM   244 C "C5'"  . DC  A 1 9  ? 12.127  1.829   6.291   1.00 0.00 ? 9  DC  A "C5'"  1 
ATOM   245 C "C4'"  . DC  A 1 9  ? 11.116  1.056   7.139   1.00 0.00 ? 9  DC  A "C4'"  1 
ATOM   246 O "O4'"  . DC  A 1 9  ? 10.010  0.683   6.329   1.00 0.00 ? 9  DC  A "O4'"  1 
ATOM   247 C "C3'"  . DC  A 1 9  ? 11.682  -0.210  7.811   1.00 0.00 ? 9  DC  A "C3'"  1 
ATOM   248 O "O3'"  . DC  A 1 9  ? 11.452  -0.108  9.212   1.00 0.00 ? 9  DC  A "O3'"  1 
ATOM   249 C "C2'"  . DC  A 1 9  ? 10.886  -1.331  7.134   1.00 0.00 ? 9  DC  A "C2'"  1 
ATOM   250 C "C1'"  . DC  A 1 9  ? 9.605   -0.613  6.713   1.00 0.00 ? 9  DC  A "C1'"  1 
ATOM   251 N N1     . DC  A 1 9  ? 8.862   -1.257  5.589   1.00 0.00 ? 9  DC  A N1     1 
ATOM   252 C C2     . DC  A 1 9  ? 7.505   -1.547  5.769   1.00 0.00 ? 9  DC  A C2     1 
ATOM   253 O O2     . DC  A 1 9  ? 6.911   -1.279  6.813   1.00 0.00 ? 9  DC  A O2     1 
ATOM   254 N N3     . DC  A 1 9  ? 6.779   -2.137  4.791   1.00 0.00 ? 9  DC  A N3     1 
ATOM   255 C C4     . DC  A 1 9  ? 7.369   -2.396  3.646   1.00 0.00 ? 9  DC  A C4     1 
ATOM   256 N N4     . DC  A 1 9  ? 6.612   -2.949  2.743   1.00 0.00 ? 9  DC  A N4     1 
ATOM   257 C C5     . DC  A 1 9  ? 8.726   -2.081  3.372   1.00 0.00 ? 9  DC  A C5     1 
ATOM   258 C C6     . DC  A 1 9  ? 9.452   -1.516  4.373   1.00 0.00 ? 9  DC  A C6     1 
ATOM   259 H "H5'"  . DC  A 1 9  ? 11.596  2.633   5.775   1.00 0.00 ? 9  DC  A "H5'"  1 
ATOM   260 H "H5''" . DC  A 1 9  ? 12.871  2.276   6.950   1.00 0.00 ? 9  DC  A "H5''" 1 
ATOM   261 H "H4'"  . DC  A 1 9  ? 10.757  1.727   7.921   1.00 0.00 ? 9  DC  A "H4'"  1 
ATOM   262 H "H3'"  . DC  A 1 9  ? 12.750  -0.318  7.607   1.00 0.00 ? 9  DC  A "H3'"  1 
ATOM   263 H "H2'"  . DC  A 1 9  ? 11.443  -1.695  6.272   1.00 0.00 ? 9  DC  A "H2'"  1 
ATOM   264 H "H2''" . DC  A 1 9  ? 10.667  -2.158  7.808   1.00 0.00 ? 9  DC  A "H2''" 1 
ATOM   265 H "H1'"  . DC  A 1 9  ? 8.965   -0.539  7.599   1.00 0.00 ? 9  DC  A "H1'"  1 
ATOM   266 H H41    . DC  A 1 9  ? 5.651   -3.133  3.012   1.00 0.00 ? 9  DC  A H41    1 
ATOM   267 H H42    . DC  A 1 9  ? 6.976   -3.170  1.833   1.00 0.00 ? 9  DC  A H42    1 
ATOM   268 H H5     . DC  A 1 9  ? 9.177   -2.276  2.411   1.00 0.00 ? 9  DC  A H5     1 
ATOM   269 H H6     . DC  A 1 9  ? 10.493  -1.252  4.216   1.00 0.00 ? 9  DC  A H6     1 
ATOM   270 P P      . DC  A 1 10 ? 11.912  -1.236  10.267  1.00 0.00 ? 10 DC  A P      1 
ATOM   271 O OP1    . DC  A 1 10 ? 12.202  -0.570  11.555  1.00 0.00 ? 10 DC  A OP1    1 
ATOM   272 O OP2    . DC  A 1 10 ? 12.969  -2.077  9.666   1.00 0.00 ? 10 DC  A OP2    1 
ATOM   273 O "O5'"  . DC  A 1 10 ? 10.582  -2.121  10.437  1.00 0.00 ? 10 DC  A "O5'"  1 
ATOM   274 C "C5'"  . DC  A 1 10 ? 9.409   -1.557  11.011  1.00 0.00 ? 10 DC  A "C5'"  1 
ATOM   275 C "C4'"  . DC  A 1 10 ? 8.259   -2.559  11.108  1.00 0.00 ? 10 DC  A "C4'"  1 
ATOM   276 O "O4'"  . DC  A 1 10 ? 7.739   -2.797  9.813   1.00 0.00 ? 10 DC  A "O4'"  1 
ATOM   277 C "C3'"  . DC  A 1 10 ? 8.626   -3.918  11.736  1.00 0.00 ? 10 DC  A "C3'"  1 
ATOM   278 O "O3'"  . DC  A 1 10 ? 8.009   -4.046  13.011  1.00 0.00 ? 10 DC  A "O3'"  1 
ATOM   279 C "C2'"  . DC  A 1 10 ? 8.091   -4.919  10.707  1.00 0.00 ? 10 DC  A "C2'"  1 
ATOM   280 C "C1'"  . DC  A 1 10 ? 7.161   -4.079  9.835   1.00 0.00 ? 10 DC  A "C1'"  1 
ATOM   281 N N1     . DC  A 1 10 ? 7.040   -4.603  8.450   1.00 0.00 ? 10 DC  A N1     1 
ATOM   282 C C2     . DC  A 1 10 ? 5.821   -5.153  8.045   1.00 0.00 ? 10 DC  A C2     1 
ATOM   283 O O2     . DC  A 1 10 ? 4.845   -5.200  8.795   1.00 0.00 ? 10 DC  A O2     1 
ATOM   284 N N3     . DC  A 1 10 ? 5.667   -5.663  6.802   1.00 0.00 ? 10 DC  A N3     1 
ATOM   285 C C4     . DC  A 1 10 ? 6.694   -5.626  5.982   1.00 0.00 ? 10 DC  A C4     1 
ATOM   286 N N4     . DC  A 1 10 ? 6.484   -6.150  4.811   1.00 0.00 ? 10 DC  A N4     1 
ATOM   287 C C5     . DC  A 1 10 ? 7.958   -5.073  6.322   1.00 0.00 ? 10 DC  A C5     1 
ATOM   288 C C6     . DC  A 1 10 ? 8.100   -4.569  7.575   1.00 0.00 ? 10 DC  A C6     1 
ATOM   289 H "H5'"  . DC  A 1 10 ? 9.074   -0.714  10.404  1.00 0.00 ? 10 DC  A "H5'"  1 
ATOM   290 H "H5''" . DC  A 1 10 ? 9.629   -1.192  12.014  1.00 0.00 ? 10 DC  A "H5''" 1 
ATOM   291 H "H4'"  . DC  A 1 10 ? 7.467   -2.107  11.708  1.00 0.00 ? 10 DC  A "H4'"  1 
ATOM   292 H "H3'"  . DC  A 1 10 ? 9.710   -4.018  11.827  1.00 0.00 ? 10 DC  A "H3'"  1 
ATOM   293 H "H2'"  . DC  A 1 10 ? 8.922   -5.316  10.124  1.00 0.00 ? 10 DC  A "H2'"  1 
ATOM   294 H "H2''" . DC  A 1 10 ? 7.540   -5.735  11.168  1.00 0.00 ? 10 DC  A "H2''" 1 
ATOM   295 H "H1'"  . DC  A 1 10 ? 6.179   -4.025  10.319  1.00 0.00 ? 10 DC  A "H1'"  1 
ATOM   296 H H41    . DC  A 1 10 ? 5.567   -6.551  4.650   1.00 0.00 ? 10 DC  A H41    1 
ATOM   297 H H42    . DC  A 1 10 ? 7.204   -6.146  4.110   1.00 0.00 ? 10 DC  A H42    1 
ATOM   298 H H5     . DC  A 1 10 ? 8.783   -5.051  5.626   1.00 0.00 ? 10 DC  A H5     1 
ATOM   299 H H6     . DC  A 1 10 ? 9.037   -4.130  7.903   1.00 0.00 ? 10 DC  A H6     1 
ATOM   300 P P      . DG  A 1 11 ? 8.226   -5.328  13.969  1.00 0.00 ? 11 DG  A P      1 
ATOM   301 O OP1    . DG  A 1 11 ? 8.148   -4.868  15.370  1.00 0.00 ? 11 DG  A OP1    1 
ATOM   302 O OP2    . DG  A 1 11 ? 9.436   -6.067  13.550  1.00 0.00 ? 11 DG  A OP2    1 
ATOM   303 O "O5'"  . DG  A 1 11 ? 6.937   -6.242  13.662  1.00 0.00 ? 11 DG  A "O5'"  1 
ATOM   304 C "C5'"  . DG  A 1 11 ? 5.632   -5.766  13.972  1.00 0.00 ? 11 DG  A "C5'"  1 
ATOM   305 C "C4'"  . DG  A 1 11 ? 4.534   -6.812  13.759  1.00 0.00 ? 11 DG  A "C4'"  1 
ATOM   306 O "O4'"  . DG  A 1 11 ? 4.319   -7.014  12.367  1.00 0.00 ? 11 DG  A "O4'"  1 
ATOM   307 C "C3'"  . DG  A 1 11 ? 4.829   -8.172  14.415  1.00 0.00 ? 11 DG  A "C3'"  1 
ATOM   308 O "O3'"  . DG  A 1 11 ? 3.649   -8.606  15.080  1.00 0.00 ? 11 DG  A "O3'"  1 
ATOM   309 C "C2'"  . DG  A 1 11 ? 5.216   -9.026  13.207  1.00 0.00 ? 11 DG  A "C2'"  1 
ATOM   310 C "C1'"  . DG  A 1 11 ? 4.378   -8.403  12.094  1.00 0.00 ? 11 DG  A "C1'"  1 
ATOM   311 N N9     . DG  A 1 11 ? 4.957   -8.611  10.748  1.00 0.00 ? 11 DG  A N9     1 
ATOM   312 C C8     . DG  A 1 11 ? 6.230   -8.345  10.300  1.00 0.00 ? 11 DG  A C8     1 
ATOM   313 N N7     . DG  A 1 11 ? 6.439   -8.662  9.048   1.00 0.00 ? 11 DG  A N7     1 
ATOM   314 C C5     . DG  A 1 11 ? 5.204   -9.190  8.637   1.00 0.00 ? 11 DG  A C5     1 
ATOM   315 C C6     . DG  A 1 11 ? 4.769   -9.748  7.383   1.00 0.00 ? 11 DG  A C6     1 
ATOM   316 O O6     . DG  A 1 11 ? 5.397   -9.891  6.333   1.00 0.00 ? 11 DG  A O6     1 
ATOM   317 N N1     . DG  A 1 11 ? 3.455   -10.176 7.396   1.00 0.00 ? 11 DG  A N1     1 
ATOM   318 C C2     . DG  A 1 11 ? 2.643   -10.078 8.477   1.00 0.00 ? 11 DG  A C2     1 
ATOM   319 N N2     . DG  A 1 11 ? 1.428   -10.533 8.364   1.00 0.00 ? 11 DG  A N2     1 
ATOM   320 N N3     . DG  A 1 11 ? 2.995   -9.572  9.651   1.00 0.00 ? 11 DG  A N3     1 
ATOM   321 C C4     . DG  A 1 11 ? 4.294   -9.147  9.672   1.00 0.00 ? 11 DG  A C4     1 
ATOM   322 H "H5'"  . DG  A 1 11 ? 5.403   -4.892  13.359  1.00 0.00 ? 11 DG  A "H5'"  1 
ATOM   323 H "H5''" . DG  A 1 11 ? 5.603   -5.458  15.017  1.00 0.00 ? 11 DG  A "H5''" 1 
ATOM   324 H "H4'"  . DG  A 1 11 ? 3.618   -6.411  14.194  1.00 0.00 ? 11 DG  A "H4'"  1 
ATOM   325 H "H3'"  . DG  A 1 11 ? 5.662   -8.098  15.119  1.00 0.00 ? 11 DG  A "H3'"  1 
ATOM   326 H "H2'"  . DG  A 1 11 ? 6.280   -8.898  13.008  1.00 0.00 ? 11 DG  A "H2'"  1 
ATOM   327 H "H2''" . DG  A 1 11 ? 4.987   -10.082 13.341  1.00 0.00 ? 11 DG  A "H2''" 1 
ATOM   328 H "H1'"  . DG  A 1 11 ? 3.371   -8.830  12.135  1.00 0.00 ? 11 DG  A "H1'"  1 
ATOM   329 H H8     . DG  A 1 11 ? 6.982   -7.904  10.945  1.00 0.00 ? 11 DG  A H8     1 
ATOM   330 H H1     . DG  A 1 11 ? 3.099   -10.597 6.552   1.00 0.00 ? 11 DG  A H1     1 
ATOM   331 H H21    . DG  A 1 11 ? 1.109   -10.956 7.496   1.00 0.00 ? 11 DG  A H21    1 
ATOM   332 H H22    . DG  A 1 11 ? 0.826   -10.433 9.162   1.00 0.00 ? 11 DG  A H22    1 
ATOM   333 P P      . DG  A 1 12 ? 3.555   -9.978  15.919  1.00 0.00 ? 12 DG  A P      1 
ATOM   334 O OP1    . DG  A 1 12 ? 2.533   -9.798  16.971  1.00 0.00 ? 12 DG  A OP1    1 
ATOM   335 O OP2    . DG  A 1 12 ? 4.909   -10.406 16.332  1.00 0.00 ? 12 DG  A OP2    1 
ATOM   336 O "O5'"  . DG  A 1 12 ? 2.996   -11.019 14.832  1.00 0.00 ? 12 DG  A "O5'"  1 
ATOM   337 C "C5'"  . DG  A 1 12 ? 1.683   -10.884 14.301  1.00 0.00 ? 12 DG  A "C5'"  1 
ATOM   338 C "C4'"  . DG  A 1 12 ? 1.355   -11.970 13.272  1.00 0.00 ? 12 DG  A "C4'"  1 
ATOM   339 O "O4'"  . DG  A 1 12 ? 2.058   -11.698 12.075  1.00 0.00 ? 12 DG  A "O4'"  1 
ATOM   340 C "C3'"  . DG  A 1 12 ? 1.708   -13.408 13.696  1.00 0.00 ? 12 DG  A "C3'"  1 
ATOM   341 O "O3'"  . DG  A 1 12 ? 0.561   -14.129 14.136  1.00 0.00 ? 12 DG  A "O3'"  1 
ATOM   342 C "C2'"  . DG  A 1 12 ? 2.312   -14.002 12.422  1.00 0.00 ? 12 DG  A "C2'"  1 
ATOM   343 C "C1'"  . DG  A 1 12 ? 2.147   -12.913 11.369  1.00 0.00 ? 12 DG  A "C1'"  1 
ATOM   344 N N9     . DG  A 1 12 ? 3.309   -12.891 10.465  1.00 0.00 ? 12 DG  A N9     1 
ATOM   345 C C8     . DG  A 1 12 ? 4.572   -12.409 10.702  1.00 0.00 ? 12 DG  A C8     1 
ATOM   346 N N7     . DG  A 1 12 ? 5.397   -12.552 9.697   1.00 0.00 ? 12 DG  A N7     1 
ATOM   347 C C5     . DG  A 1 12 ? 4.619   -13.215 8.735   1.00 0.00 ? 12 DG  A C5     1 
ATOM   348 C C6     . DG  A 1 12 ? 4.927   -13.678 7.409   1.00 0.00 ? 12 DG  A C6     1 
ATOM   349 O O6     . DG  A 1 12 ? 5.981   -13.579 6.779   1.00 0.00 ? 12 DG  A O6     1 
ATOM   350 N N1     . DG  A 1 12 ? 3.870   -14.315 6.791   1.00 0.00 ? 12 DG  A N1     1 
ATOM   351 C C2     . DG  A 1 12 ? 2.650   -14.479 7.355   1.00 0.00 ? 12 DG  A C2     1 
ATOM   352 N N2     . DG  A 1 12 ? 1.743   -15.109 6.665   1.00 0.00 ? 12 DG  A N2     1 
ATOM   353 N N3     . DG  A 1 12 ? 2.312   -14.063 8.569   1.00 0.00 ? 12 DG  A N3     1 
ATOM   354 C C4     . DG  A 1 12 ? 3.343   -13.436 9.208   1.00 0.00 ? 12 DG  A C4     1 
ATOM   355 H "H5'"  . DG  A 1 12 ? 1.585   -9.910  13.817  1.00 0.00 ? 12 DG  A "H5'"  1 
ATOM   356 H "H5''" . DG  A 1 12 ? 0.953   -10.939 15.109  1.00 0.00 ? 12 DG  A "H5''" 1 
ATOM   357 H "H4'"  . DG  A 1 12 ? 0.287   -11.933 13.052  1.00 0.00 ? 12 DG  A "H4'"  1 
ATOM   358 H "H3'"  . DG  A 1 12 ? 2.474   -13.390 14.474  1.00 0.00 ? 12 DG  A "H3'"  1 
ATOM   359 H "H2'"  . DG  A 1 12 ? 3.365   -14.221 12.598  1.00 0.00 ? 12 DG  A "H2'"  1 
ATOM   360 H "H2''" . DG  A 1 12 ? 1.793   -14.898 12.090  1.00 0.00 ? 12 DG  A "H2''" 1 
ATOM   361 H "H1'"  . DG  A 1 12 ? 1.231   -13.088 10.798  1.00 0.00 ? 12 DG  A "H1'"  1 
ATOM   362 H H8     . DG  A 1 12 ? 4.829   -11.941 11.646  1.00 0.00 ? 12 DG  A H8     1 
ATOM   363 H H1     . DG  A 1 12 ? 4.029   -14.657 5.855   1.00 0.00 ? 12 DG  A H1     1 
ATOM   364 H H21    . DG  A 1 12 ? 1.958   -15.469 5.738   1.00 0.00 ? 12 DG  A H21    1 
ATOM   365 H H22    . DG  A 1 12 ? 0.840   -15.233 7.088   1.00 0.00 ? 12 DG  A H22    1 
ATOM   366 P P      . DG  A 1 13 ? 0.678   -15.598 14.802  1.00 0.00 ? 13 DG  A P      1 
ATOM   367 O OP1    . DG  A 1 13 ? -0.564  -15.849 15.565  1.00 0.00 ? 13 DG  A OP1    1 
ATOM   368 O OP2    . DG  A 1 13 ? 1.962   -15.701 15.524  1.00 0.00 ? 13 DG  A OP2    1 
ATOM   369 O "O5'"  . DG  A 1 13 ? 0.727   -16.626 13.561  1.00 0.00 ? 13 DG  A "O5'"  1 
ATOM   370 C "C5'"  . DG  A 1 13 ? -0.437  -16.841 12.792  1.00 0.00 ? 13 DG  A "C5'"  1 
ATOM   371 C "C4'"  . DG  A 1 13 ? -0.287  -17.764 11.583  1.00 0.00 ? 13 DG  A "C4'"  1 
ATOM   372 O "O4'"  . DG  A 1 13 ? 0.630   -17.206 10.652  1.00 0.00 ? 13 DG  A "O4'"  1 
ATOM   373 C "C3'"  . DG  A 1 13 ? 0.163   -19.191 11.932  1.00 0.00 ? 13 DG  A "C3'"  1 
ATOM   374 O "O3'"  . DG  A 1 13 ? -0.635  -20.142 11.231  1.00 0.00 ? 13 DG  A "O3'"  1 
ATOM   375 C "C2'"  . DG  A 1 13 ? 1.593   -19.218 11.414  1.00 0.00 ? 13 DG  A "C2'"  1 
ATOM   376 C "C1'"  . DG  A 1 13 ? 1.522   -18.228 10.252  1.00 0.00 ? 13 DG  A "C1'"  1 
ATOM   377 N N9     . DG  A 1 13 ? 2.845   -17.652 9.940   1.00 0.00 ? 13 DG  A N9     1 
ATOM   378 C C8     . DG  A 1 13 ? 3.694   -16.951 10.762  1.00 0.00 ? 13 DG  A C8     1 
ATOM   379 N N7     . DG  A 1 13 ? 4.830   -16.620 10.205  1.00 0.00 ? 13 DG  A N7     1 
ATOM   380 C C5     . DG  A 1 13 ? 4.724   -17.153 8.912   1.00 0.00 ? 13 DG  A C5     1 
ATOM   381 C C6     . DG  A 1 13 ? 5.644   -17.165 7.806   1.00 0.00 ? 13 DG  A C6     1 
ATOM   382 O O6     . DG  A 1 13 ? 6.782   -16.700 7.736   1.00 0.00 ? 13 DG  A O6     1 
ATOM   383 N N1     . DG  A 1 13 ? 5.150   -17.805 6.687   1.00 0.00 ? 13 DG  A N1     1 
ATOM   384 C C2     . DG  A 1 13 ? 3.933   -18.394 6.629   1.00 0.00 ? 13 DG  A C2     1 
ATOM   385 N N2     . DG  A 1 13 ? 3.618   -19.019 5.529   1.00 0.00 ? 13 DG  A N2     1 
ATOM   386 N N3     . DG  A 1 13 ? 3.056   -18.431 7.627   1.00 0.00 ? 13 DG  A N3     1 
ATOM   387 C C4     . DG  A 1 13 ? 3.509   -17.782 8.744   1.00 0.00 ? 13 DG  A C4     1 
ATOM   388 H "H5'"  . DG  A 1 13 ? -0.799  -15.884 12.438  1.00 0.00 ? 13 DG  A "H5'"  1 
ATOM   389 H "H5''" . DG  A 1 13 ? -1.187  -17.268 13.445  1.00 0.00 ? 13 DG  A "H5''" 1 
ATOM   390 H "H4'"  . DG  A 1 13 ? -1.270  -17.826 11.113  1.00 0.00 ? 13 DG  A "H4'"  1 
ATOM   391 H "H3'"  . DG  A 1 13 ? 0.140   -19.364 13.012  1.00 0.00 ? 13 DG  A "H3'"  1 
ATOM   392 H "HO3'" . DG  A 1 13 ? -0.401  -21.047 11.527  1.00 0.00 ? 13 DG  A "HO3'" 1 
ATOM   393 H "H2'"  . DG  A 1 13 ? 2.264   -18.857 12.195  1.00 0.00 ? 13 DG  A "H2'"  1 
ATOM   394 H "H2''" . DG  A 1 13 ? 1.894   -20.210 11.079  1.00 0.00 ? 13 DG  A "H2''" 1 
ATOM   395 H "H1'"  . DG  A 1 13 ? 1.121   -18.741 9.374   1.00 0.00 ? 13 DG  A "H1'"  1 
ATOM   396 H H8     . DG  A 1 13 ? 3.424   -16.707 11.783  1.00 0.00 ? 13 DG  A H8     1 
ATOM   397 H H1     . DG  A 1 13 ? 5.762   -17.875 5.888   1.00 0.00 ? 13 DG  A H1     1 
ATOM   398 H H21    . DG  A 1 13 ? 4.264   -19.049 4.743   1.00 0.00 ? 13 DG  A H21    1 
ATOM   399 H H22    . DG  A 1 13 ? 2.723   -19.473 5.491   1.00 0.00 ? 13 DG  A H22    1 
ATOM   400 O "O5'"  . DC  B 2 1  ? 10.005  -19.174 -0.823  1.00 0.00 ? 14 DC  B "O5'"  1 
ATOM   401 C "C5'"  . DC  B 2 1  ? 9.484   -20.455 -1.179  1.00 0.00 ? 14 DC  B "C5'"  1 
ATOM   402 C "C4'"  . DC  B 2 1  ? 8.027   -20.657 -0.724  1.00 0.00 ? 14 DC  B "C4'"  1 
ATOM   403 O "O4'"  . DC  B 2 1  ? 7.964   -20.749 0.697   1.00 0.00 ? 14 DC  B "O4'"  1 
ATOM   404 C "C3'"  . DC  B 2 1  ? 7.093   -19.532 -1.195  1.00 0.00 ? 14 DC  B "C3'"  1 
ATOM   405 O "O3'"  . DC  B 2 1  ? 5.924   -20.083 -1.793  1.00 0.00 ? 14 DC  B "O3'"  1 
ATOM   406 C "C2'"  . DC  B 2 1  ? 6.807   -18.770 0.095   1.00 0.00 ? 14 DC  B "C2'"  1 
ATOM   407 C "C1'"  . DC  B 2 1  ? 7.034   -19.801 1.199   1.00 0.00 ? 14 DC  B "C1'"  1 
ATOM   408 N N1     . DC  B 2 1  ? 7.560   -19.132 2.422   1.00 0.00 ? 14 DC  B N1     1 
ATOM   409 C C2     . DC  B 2 1  ? 6.683   -18.846 3.474   1.00 0.00 ? 14 DC  B C2     1 
ATOM   410 O O2     . DC  B 2 1  ? 5.503   -19.195 3.453   1.00 0.00 ? 14 DC  B O2     1 
ATOM   411 N N3     . DC  B 2 1  ? 7.106   -18.165 4.567   1.00 0.00 ? 14 DC  B N3     1 
ATOM   412 C C4     . DC  B 2 1  ? 8.362   -17.773 4.612   1.00 0.00 ? 14 DC  B C4     1 
ATOM   413 N N4     . DC  B 2 1  ? 8.722   -17.124 5.681   1.00 0.00 ? 14 DC  B N4     1 
ATOM   414 C C5     . DC  B 2 1  ? 9.301   -18.022 3.578   1.00 0.00 ? 14 DC  B C5     1 
ATOM   415 C C6     . DC  B 2 1  ? 8.864   -18.706 2.492   1.00 0.00 ? 14 DC  B C6     1 
ATOM   416 H "H5'"  . DC  B 2 1  ? 10.099  -21.243 -0.739  1.00 0.00 ? 14 DC  B "H5'"  1 
ATOM   417 H "H5''" . DC  B 2 1  ? 9.520   -20.566 -2.265  1.00 0.00 ? 14 DC  B "H5''" 1 
ATOM   418 H "H4'"  . DC  B 2 1  ? 7.671   -21.598 -1.147  1.00 0.00 ? 14 DC  B "H4'"  1 
ATOM   419 H "H3'"  . DC  B 2 1  ? 7.613   -18.884 -1.904  1.00 0.00 ? 14 DC  B "H3'"  1 
ATOM   420 H "H2'"  . DC  B 2 1  ? 7.518   -17.949 0.181   1.00 0.00 ? 14 DC  B "H2'"  1 
ATOM   421 H "H2''" . DC  B 2 1  ? 5.793   -18.383 0.139   1.00 0.00 ? 14 DC  B "H2''" 1 
ATOM   422 H "H1'"  . DC  B 2 1  ? 6.086   -20.309 1.410   1.00 0.00 ? 14 DC  B "H1'"  1 
ATOM   423 H H41    . DC  B 2 1  ? 8.014   -16.954 6.386   1.00 0.00 ? 14 DC  B H41    1 
ATOM   424 H H42    . DC  B 2 1  ? 9.667   -16.795 5.775   1.00 0.00 ? 14 DC  B H42    1 
ATOM   425 H H5     . DC  B 2 1  ? 10.324  -17.686 3.640   1.00 0.00 ? 14 DC  B H5     1 
ATOM   426 H H6     . DC  B 2 1  ? 9.533   -18.927 1.667   1.00 0.00 ? 14 DC  B H6     1 
ATOM   427 H "HO5'" . DC  B 2 1  ? 10.944  -19.111 -1.101  1.00 0.00 ? 14 DC  B "HO5'" 1 
ATOM   428 P P      . DC  B 2 2  ? 4.876   -19.175 -2.617  1.00 0.00 ? 15 DC  B P      1 
ATOM   429 O OP1    . DC  B 2 2  ? 4.127   -20.059 -3.536  1.00 0.00 ? 15 DC  B OP1    1 
ATOM   430 O OP2    . DC  B 2 2  ? 5.590   -18.021 -3.200  1.00 0.00 ? 15 DC  B OP2    1 
ATOM   431 O "O5'"  . DC  B 2 2  ? 3.869   -18.617 -1.500  1.00 0.00 ? 15 DC  B "O5'"  1 
ATOM   432 C "C5'"  . DC  B 2 2  ? 3.014   -19.489 -0.775  1.00 0.00 ? 15 DC  B "C5'"  1 
ATOM   433 C "C4'"  . DC  B 2 2  ? 2.154   -18.725 0.237   1.00 0.00 ? 15 DC  B "C4'"  1 
ATOM   434 O "O4'"  . DC  B 2 2  ? 2.978   -18.230 1.286   1.00 0.00 ? 15 DC  B "O4'"  1 
ATOM   435 C "C3'"  . DC  B 2 2  ? 1.393   -17.542 -0.389  1.00 0.00 ? 15 DC  B "C3'"  1 
ATOM   436 O "O3'"  . DC  B 2 2  ? 0.022   -17.623 -0.012  1.00 0.00 ? 15 DC  B "O3'"  1 
ATOM   437 C "C2'"  . DC  B 2 2  ? 2.134   -16.337 0.197   1.00 0.00 ? 15 DC  B "C2'"  1 
ATOM   438 C "C1'"  . DC  B 2 2  ? 2.609   -16.890 1.541   1.00 0.00 ? 15 DC  B "C1'"  1 
ATOM   439 N N1     . DC  B 2 2  ? 3.755   -16.158 2.157   1.00 0.00 ? 15 DC  B N1     1 
ATOM   440 C C2     . DC  B 2 2  ? 3.648   -15.771 3.498   1.00 0.00 ? 15 DC  B C2     1 
ATOM   441 O O2     . DC  B 2 2  ? 2.627   -15.963 4.157   1.00 0.00 ? 15 DC  B O2     1 
ATOM   442 N N3     . DC  B 2 2  ? 4.671   -15.152 4.130   1.00 0.00 ? 15 DC  B N3     1 
ATOM   443 C C4     . DC  B 2 2  ? 5.777   -14.929 3.458   1.00 0.00 ? 15 DC  B C4     1 
ATOM   444 N N4     . DC  B 2 2  ? 6.716   -14.321 4.118   1.00 0.00 ? 15 DC  B N4     1 
ATOM   445 C C5     . DC  B 2 2  ? 5.959   -15.295 2.099   1.00 0.00 ? 15 DC  B C5     1 
ATOM   446 C C6     . DC  B 2 2  ? 4.921   -15.906 1.471   1.00 0.00 ? 15 DC  B C6     1 
ATOM   447 H "H5'"  . DC  B 2 2  ? 3.603   -20.235 -0.239  1.00 0.00 ? 15 DC  B "H5'"  1 
ATOM   448 H "H5''" . DC  B 2 2  ? 2.349   -20.004 -1.470  1.00 0.00 ? 15 DC  B "H5''" 1 
ATOM   449 H "H4'"  . DC  B 2 2  ? 1.430   -19.425 0.660   1.00 0.00 ? 15 DC  B "H4'"  1 
ATOM   450 H "H3'"  . DC  B 2 2  ? 1.487   -17.552 -1.477  1.00 0.00 ? 15 DC  B "H3'"  1 
ATOM   451 H "H2'"  . DC  B 2 2  ? 2.970   -16.088 -0.455  1.00 0.00 ? 15 DC  B "H2'"  1 
ATOM   452 H "H2''" . DC  B 2 2  ? 1.493   -15.466 0.326   1.00 0.00 ? 15 DC  B "H2''" 1 
ATOM   453 H "H1'"  . DC  B 2 2  ? 1.749   -16.885 2.219   1.00 0.00 ? 15 DC  B "H1'"  1 
ATOM   454 H H41    . DC  B 2 2  ? 6.499   -14.063 5.075   1.00 0.00 ? 15 DC  B H41    1 
ATOM   455 H H42    . DC  B 2 2  ? 7.594   -14.104 3.680   1.00 0.00 ? 15 DC  B H42    1 
ATOM   456 H H5     . DC  B 2 2  ? 6.880   -15.100 1.572   1.00 0.00 ? 15 DC  B H5     1 
ATOM   457 H H6     . DC  B 2 2  ? 5.014   -16.210 0.435   1.00 0.00 ? 15 DC  B H6     1 
ATOM   458 P P      . DC  B 2 3  ? -1.080  -16.547 -0.486  1.00 0.00 ? 16 DC  B P      1 
ATOM   459 O OP1    . DC  B 2 3  ? -2.385  -17.233 -0.601  1.00 0.00 ? 16 DC  B OP1    1 
ATOM   460 O OP2    . DC  B 2 3  ? -0.577  -15.813 -1.667  1.00 0.00 ? 16 DC  B OP2    1 
ATOM   461 O "O5'"  . DC  B 2 3  ? -1.135  -15.543 0.768   1.00 0.00 ? 16 DC  B "O5'"  1 
ATOM   462 C "C5'"  . DC  B 2 3  ? -1.634  -15.987 2.026   1.00 0.00 ? 16 DC  B "C5'"  1 
ATOM   463 C "C4'"  . DC  B 2 3  ? -1.695  -14.869 3.070   1.00 0.00 ? 16 DC  B "C4'"  1 
ATOM   464 O "O4'"  . DC  B 2 3  ? -0.387  -14.546 3.514   1.00 0.00 ? 16 DC  B "O4'"  1 
ATOM   465 C "C3'"  . DC  B 2 3  ? -2.375  -13.579 2.571   1.00 0.00 ? 16 DC  B "C3'"  1 
ATOM   466 O "O3'"  . DC  B 2 3  ? -3.571  -13.351 3.307   1.00 0.00 ? 16 DC  B "O3'"  1 
ATOM   467 C "C2'"  . DC  B 2 3  ? -1.295  -12.521 2.813   1.00 0.00 ? 16 DC  B "C2'"  1 
ATOM   468 C "C1'"  . DC  B 2 3  ? -0.378  -13.174 3.845   1.00 0.00 ? 16 DC  B "C1'"  1 
ATOM   469 N N1     . DC  B 2 3  ? 1.012   -12.650 3.789   1.00 0.00 ? 16 DC  B N1     1 
ATOM   470 C C2     . DC  B 2 3  ? 1.519   -11.940 4.882   1.00 0.00 ? 16 DC  B C2     1 
ATOM   471 O O2     . DC  B 2 3  ? 0.847   -11.722 5.891   1.00 0.00 ? 16 DC  B O2     1 
ATOM   472 N N3     . DC  B 2 3  ? 2.783   -11.458 4.873   1.00 0.00 ? 16 DC  B N3     1 
ATOM   473 C C4     . DC  B 2 3  ? 3.517   -11.656 3.799   1.00 0.00 ? 16 DC  B C4     1 
ATOM   474 N N4     . DC  B 2 3  ? 4.718   -11.159 3.843   1.00 0.00 ? 16 DC  B N4     1 
ATOM   475 C C5     . DC  B 2 3  ? 3.066   -12.363 2.652   1.00 0.00 ? 16 DC  B C5     1 
ATOM   476 C C6     . DC  B 2 3  ? 1.801   -12.854 2.682   1.00 0.00 ? 16 DC  B C6     1 
ATOM   477 H "H5'"  . DC  B 2 3  ? -1.004  -16.790 2.412   1.00 0.00 ? 16 DC  B "H5'"  1 
ATOM   478 H "H5''" . DC  B 2 3  ? -2.644  -16.380 1.895   1.00 0.00 ? 16 DC  B "H5''" 1 
ATOM   479 H "H4'"  . DC  B 2 3  ? -2.258  -15.242 3.929   1.00 0.00 ? 16 DC  B "H4'"  1 
ATOM   480 H "H3'"  . DC  B 2 3  ? -2.594  -13.648 1.503   1.00 0.00 ? 16 DC  B "H3'"  1 
ATOM   481 H "H2'"  . DC  B 2 3  ? -0.767  -12.339 1.877   1.00 0.00 ? 16 DC  B "H2'"  1 
ATOM   482 H "H2''" . DC  B 2 3  ? -1.696  -11.586 3.195   1.00 0.00 ? 16 DC  B "H2''" 1 
ATOM   483 H "H1'"  . DC  B 2 3  ? -0.810  -13.032 4.841   1.00 0.00 ? 16 DC  B "H1'"  1 
ATOM   484 H H41    . DC  B 2 3  ? 4.984   -10.676 4.695   1.00 0.00 ? 16 DC  B H41    1 
ATOM   485 H H42    . DC  B 2 3  ? 5.336   -11.259 3.059   1.00 0.00 ? 16 DC  B H42    1 
ATOM   486 H H5     . DC  B 2 3  ? 3.688   -12.519 1.785   1.00 0.00 ? 16 DC  B H5     1 
ATOM   487 H H6     . DC  B 2 3  ? 1.398   -13.417 1.847   1.00 0.00 ? 16 DC  B H6     1 
ATOM   488 P P      . DG  B 2 4  ? -4.548  -12.097 3.024   1.00 0.00 ? 17 DG  B P      1 
ATOM   489 O OP1    . DG  B 2 4  ? -5.918  -12.479 3.429   1.00 0.00 ? 17 DG  B OP1    1 
ATOM   490 O OP2    . DG  B 2 4  ? -4.345  -11.610 1.644   1.00 0.00 ? 17 DG  B OP2    1 
ATOM   491 O "O5'"  . DG  B 2 4  ? -4.005  -10.980 4.048   1.00 0.00 ? 17 DG  B "O5'"  1 
ATOM   492 C "C5'"  . DG  B 2 4  ? -4.047  -11.208 5.451   1.00 0.00 ? 17 DG  B "C5'"  1 
ATOM   493 C "C4'"  . DG  B 2 4  ? -3.508  -10.030 6.271   1.00 0.00 ? 17 DG  B "C4'"  1 
ATOM   494 O "O4'"  . DG  B 2 4  ? -2.093  -9.965  6.150   1.00 0.00 ? 17 DG  B "O4'"  1 
ATOM   495 C "C3'"  . DG  B 2 4  ? -4.097  -8.659  5.886   1.00 0.00 ? 17 DG  B "C3'"  1 
ATOM   496 O "O3'"  . DG  B 2 4  ? -4.630  -8.047  7.058   1.00 0.00 ? 17 DG  B "O3'"  1 
ATOM   497 C "C2'"  . DG  B 2 4  ? -2.878  -7.931  5.317   1.00 0.00 ? 17 DG  B "C2'"  1 
ATOM   498 C "C1'"  . DG  B 2 4  ? -1.728  -8.603  6.058   1.00 0.00 ? 17 DG  B "C1'"  1 
ATOM   499 N N9     . DG  B 2 4  ? -0.444  -8.478  5.339   1.00 0.00 ? 17 DG  B N9     1 
ATOM   500 C C8     . DG  B 2 4  ? -0.132  -8.857  4.055   1.00 0.00 ? 17 DG  B C8     1 
ATOM   501 N N7     . DG  B 2 4  ? 1.096   -8.584  3.697   1.00 0.00 ? 17 DG  B N7     1 
ATOM   502 C C5     . DG  B 2 4  ? 1.635   -7.965  4.836   1.00 0.00 ? 17 DG  B C5     1 
ATOM   503 C C6     . DG  B 2 4  ? 2.936   -7.405  5.099   1.00 0.00 ? 17 DG  B C6     1 
ATOM   504 O O6     . DG  B 2 4  ? 3.919   -7.338  4.361   1.00 0.00 ? 17 DG  B O6     1 
ATOM   505 N N1     . DG  B 2 4  ? 3.060   -6.868  6.366   1.00 0.00 ? 17 DG  B N1     1 
ATOM   506 C C2     . DG  B 2 4  ? 2.062   -6.862  7.281   1.00 0.00 ? 17 DG  B C2     1 
ATOM   507 N N2     . DG  B 2 4  ? 2.303   -6.302  8.433   1.00 0.00 ? 17 DG  B N2     1 
ATOM   508 N N3     . DG  B 2 4  ? 0.851   -7.366  7.091   1.00 0.00 ? 17 DG  B N3     1 
ATOM   509 C C4     . DG  B 2 4  ? 0.697   -7.905  5.844   1.00 0.00 ? 17 DG  B C4     1 
ATOM   510 H "H5'"  . DG  B 2 4  ? -3.461  -12.096 5.698   1.00 0.00 ? 17 DG  B "H5'"  1 
ATOM   511 H "H5''" . DG  B 2 4  ? -5.079  -11.387 5.753   1.00 0.00 ? 17 DG  B "H5''" 1 
ATOM   512 H "H4'"  . DG  B 2 4  ? -3.748  -10.221 7.318   1.00 0.00 ? 17 DG  B "H4'"  1 
ATOM   513 H "H3'"  . DG  B 2 4  ? -4.870  -8.764  5.121   1.00 0.00 ? 17 DG  B "H3'"  1 
ATOM   514 H "H2'"  . DG  B 2 4  ? -2.817  -8.130  4.248   1.00 0.00 ? 17 DG  B "H2'"  1 
ATOM   515 H "H2''" . DG  B 2 4  ? -2.892  -6.857  5.497   1.00 0.00 ? 17 DG  B "H2''" 1 
ATOM   516 H "H1'"  . DG  B 2 4  ? -1.639  -8.168  7.058   1.00 0.00 ? 17 DG  B "H1'"  1 
ATOM   517 H H8     . DG  B 2 4  ? -0.854  -9.345  3.412   1.00 0.00 ? 17 DG  B H8     1 
ATOM   518 H H1     . DG  B 2 4  ? 3.942   -6.437  6.597   1.00 0.00 ? 17 DG  B H1     1 
ATOM   519 H H21    . DG  B 2 4  ? 3.209   -5.888  8.637   1.00 0.00 ? 17 DG  B H21    1 
ATOM   520 H H22    . DG  B 2 4  ? 1.554   -6.291  9.103   1.00 0.00 ? 17 DG  B H22    1 
ATOM   521 P P      . DG  B 2 5  ? -5.356  -6.607  7.053   1.00 0.00 ? 18 DG  B P      1 
ATOM   522 O OP1    . DG  B 2 5  ? -6.318  -6.578  8.176   1.00 0.00 ? 18 DG  B OP1    1 
ATOM   523 O OP2    . DG  B 2 5  ? -5.869  -6.316  5.697   1.00 0.00 ? 18 DG  B OP2    1 
ATOM   524 O "O5'"  . DG  B 2 5  ? -4.157  -5.585  7.375   1.00 0.00 ? 18 DG  B "O5'"  1 
ATOM   525 C "C5'"  . DG  B 2 5  ? -3.484  -5.623  8.629   1.00 0.00 ? 18 DG  B "C5'"  1 
ATOM   526 C "C4'"  . DG  B 2 5  ? -2.398  -4.549  8.759   1.00 0.00 ? 18 DG  B "C4'"  1 
ATOM   527 O "O4'"  . DG  B 2 5  ? -1.276  -4.894  7.969   1.00 0.00 ? 18 DG  B "O4'"  1 
ATOM   528 C "C3'"  . DG  B 2 5  ? -2.819  -3.128  8.353   1.00 0.00 ? 18 DG  B "C3'"  1 
ATOM   529 O "O3'"  . DG  B 2 5  ? -3.174  -2.361  9.499   1.00 0.00 ? 18 DG  B "O3'"  1 
ATOM   530 C "C2'"  . DG  B 2 5  ? -1.568  -2.598  7.641   1.00 0.00 ? 18 DG  B "C2'"  1 
ATOM   531 C "C1'"  . DG  B 2 5  ? -0.531  -3.711  7.777   1.00 0.00 ? 18 DG  B "C1'"  1 
ATOM   532 N N9     . DG  B 2 5  ? 0.316   -3.832  6.571   1.00 0.00 ? 18 DG  B N9     1 
ATOM   533 C C8     . DG  B 2 5  ? 0.004   -4.415  5.368   1.00 0.00 ? 18 DG  B C8     1 
ATOM   534 N N7     . DG  B 2 5  ? 0.968   -4.374  4.485   1.00 0.00 ? 18 DG  B N7     1 
ATOM   535 C C5     . DG  B 2 5  ? 1.999   -3.695  5.156   1.00 0.00 ? 18 DG  B C5     1 
ATOM   536 C C6     . DG  B 2 5  ? 3.329   -3.320  4.744   1.00 0.00 ? 18 DG  B C6     1 
ATOM   537 O O6     . DG  B 2 5  ? 3.897   -3.508  3.666   1.00 0.00 ? 18 DG  B O6     1 
ATOM   538 N N1     . DG  B 2 5  ? 4.040   -2.657  5.724   1.00 0.00 ? 18 DG  B N1     1 
ATOM   539 C C2     . DG  B 2 5  ? 3.555   -2.393  6.961   1.00 0.00 ? 18 DG  B C2     1 
ATOM   540 N N2     . DG  B 2 5  ? 4.348   -1.790  7.803   1.00 0.00 ? 18 DG  B N2     1 
ATOM   541 N N3     . DG  B 2 5  ? 2.334   -2.704  7.384   1.00 0.00 ? 18 DG  B N3     1 
ATOM   542 C C4     . DG  B 2 5  ? 1.601   -3.360  6.434   1.00 0.00 ? 18 DG  B C4     1 
ATOM   543 H "H5'"  . DG  B 2 5  ? -3.014  -6.600  8.761   1.00 0.00 ? 18 DG  B "H5'"  1 
ATOM   544 H "H5''" . DG  B 2 5  ? -4.205  -5.479  9.434   1.00 0.00 ? 18 DG  B "H5''" 1 
ATOM   545 H "H4'"  . DG  B 2 5  ? -2.077  -4.517  9.802   1.00 0.00 ? 18 DG  B "H4'"  1 
ATOM   546 H "H3'"  . DG  B 2 5  ? -3.647  -3.174  7.643   1.00 0.00 ? 18 DG  B "H3'"  1 
ATOM   547 H "H2'"  . DG  B 2 5  ? -1.805  -2.414  6.595   1.00 0.00 ? 18 DG  B "H2'"  1 
ATOM   548 H "H2''" . DG  B 2 5  ? -1.179  -1.693  8.099   1.00 0.00 ? 18 DG  B "H2''" 1 
ATOM   549 H "H1'"  . DG  B 2 5  ? 0.096   -3.516  8.652   1.00 0.00 ? 18 DG  B "H1'"  1 
ATOM   550 H H8     . DG  B 2 5  ? -0.962  -4.880  5.201   1.00 0.00 ? 18 DG  B H8     1 
ATOM   551 H H1     . DG  B 2 5  ? 4.983   -2.379  5.492   1.00 0.00 ? 18 DG  B H1     1 
ATOM   552 H H21    . DG  B 2 5  ? 5.294   -1.541  7.526   1.00 0.00 ? 18 DG  B H21    1 
ATOM   553 H H22    . DG  B 2 5  ? 3.999   -1.602  8.726   1.00 0.00 ? 18 DG  B H22    1 
ATOM   554 P P      . DT  B 2 6  ? -3.792  -0.874  9.392   1.00 0.00 ? 19 DT  B P      1 
ATOM   555 O OP1    . DT  B 2 6  ? -4.468  -0.569  10.671  1.00 0.00 ? 19 DT  B OP1    1 
ATOM   556 O OP2    . DT  B 2 6  ? -4.586  -0.767  8.151   1.00 0.00 ? 19 DT  B OP2    1 
ATOM   557 O "O5'"  . DT  B 2 6  ? -2.515  0.093   9.247   1.00 0.00 ? 19 DT  B "O5'"  1 
ATOM   558 C "C5'"  . DT  B 2 6  ? -1.563  0.207   10.297  1.00 0.00 ? 19 DT  B "C5'"  1 
ATOM   559 C "C4'"  . DT  B 2 6  ? -0.401  1.133   9.929   1.00 0.00 ? 19 DT  B "C4'"  1 
ATOM   560 O "O4'"  . DT  B 2 6  ? 0.391   0.522   8.922   1.00 0.00 ? 19 DT  B "O4'"  1 
ATOM   561 C "C3'"  . DT  B 2 6  ? -0.836  2.526   9.445   1.00 0.00 ? 19 DT  B "C3'"  1 
ATOM   562 O "O3'"  . DT  B 2 6  ? -0.255  3.511   10.292  1.00 0.00 ? 19 DT  B "O3'"  1 
ATOM   563 C "C2'"  . DT  B 2 6  ? -0.305  2.575   8.010   1.00 0.00 ? 19 DT  B "C2'"  1 
ATOM   564 C "C1'"  . DT  B 2 6  ? 0.808   1.525   8.020   1.00 0.00 ? 19 DT  B "C1'"  1 
ATOM   565 N N1     . DT  B 2 6  ? 1.049   0.905   6.691   1.00 0.00 ? 19 DT  B N1     1 
ATOM   566 C C2     . DT  B 2 6  ? 2.335   0.992   6.144   1.00 0.00 ? 19 DT  B C2     1 
ATOM   567 O O2     . DT  B 2 6  ? 3.290   1.538   6.700   1.00 0.00 ? 19 DT  B O2     1 
ATOM   568 N N3     . DT  B 2 6  ? 2.512   0.438   4.902   1.00 0.00 ? 19 DT  B N3     1 
ATOM   569 C C4     . DT  B 2 6  ? 1.537   -0.139  4.125   1.00 0.00 ? 19 DT  B C4     1 
ATOM   570 O O4     . DT  B 2 6  ? 1.839   -0.536  3.000   1.00 0.00 ? 19 DT  B O4     1 
ATOM   571 C C5     . DT  B 2 6  ? 0.224   -0.222  4.758   1.00 0.00 ? 19 DT  B C5     1 
ATOM   572 C C7     . DT  B 2 6  ? -0.940  -0.852  4.018   1.00 0.00 ? 19 DT  B C7     1 
ATOM   573 C C6     . DT  B 2 6  ? 0.025   0.280   6.004   1.00 0.00 ? 19 DT  B C6     1 
ATOM   574 H "H5'"  . DT  B 2 6  ? -1.155  -0.778  10.535  1.00 0.00 ? 19 DT  B "H5'"  1 
ATOM   575 H "H5''" . DT  B 2 6  ? -2.050  0.603   11.188  1.00 0.00 ? 19 DT  B "H5''" 1 
ATOM   576 H "H4'"  . DT  B 2 6  ? 0.219   1.258   10.819  1.00 0.00 ? 19 DT  B "H4'"  1 
ATOM   577 H "H3'"  . DT  B 2 6  ? -1.926  2.611   9.450   1.00 0.00 ? 19 DT  B "H3'"  1 
ATOM   578 H "H2'"  . DT  B 2 6  ? -1.106  2.304   7.324   1.00 0.00 ? 19 DT  B "H2'"  1 
ATOM   579 H "H2''" . DT  B 2 6  ? 0.087   3.551   7.738   1.00 0.00 ? 19 DT  B "H2''" 1 
ATOM   580 H "H1'"  . DT  B 2 6  ? 1.719   1.997   8.402   1.00 0.00 ? 19 DT  B "H1'"  1 
ATOM   581 H H3     . DT  B 2 6  ? 3.429   0.519   4.494   1.00 0.00 ? 19 DT  B H3     1 
ATOM   582 H H71    . DT  B 2 6  ? -0.619  -1.709  3.450   1.00 0.00 ? 19 DT  B H71    1 
ATOM   583 H H72    . DT  B 2 6  ? -1.717  -1.173  4.688   1.00 0.00 ? 19 DT  B H72    1 
ATOM   584 H H73    . DT  B 2 6  ? -1.374  -0.143  3.332   1.00 0.00 ? 19 DT  B H73    1 
ATOM   585 H H6     . DT  B 2 6  ? -0.950  0.197   6.470   1.00 0.00 ? 19 DT  B H6     1 
ATOM   586 P P      . DA  B 2 7  ? -0.628  5.076   10.190  1.00 0.00 ? 20 DA  B P      1 
ATOM   587 O OP1    . DA  B 2 7  ? -0.352  5.697   11.503  1.00 0.00 ? 20 DA  B OP1    1 
ATOM   588 O OP2    . DA  B 2 7  ? -1.986  5.224   9.625   1.00 0.00 ? 20 DA  B OP2    1 
ATOM   589 O "O5'"  . DA  B 2 7  ? 0.437   5.639   9.129   1.00 0.00 ? 20 DA  B "O5'"  1 
ATOM   590 C "C5'"  . DA  B 2 7  ? 1.800   5.805   9.498   1.00 0.00 ? 20 DA  B "C5'"  1 
ATOM   591 C "C4'"  . DA  B 2 7  ? 2.675   6.292   8.341   1.00 0.00 ? 20 DA  B "C4'"  1 
ATOM   592 O "O4'"  . DA  B 2 7  ? 2.891   5.230   7.425   1.00 0.00 ? 20 DA  B "O4'"  1 
ATOM   593 C "C3'"  . DA  B 2 7  ? 2.098   7.490   7.563   1.00 0.00 ? 20 DA  B "C3'"  1 
ATOM   594 O "O3'"  . DA  B 2 7  ? 2.853   8.671   7.822   1.00 0.00 ? 20 DA  B "O3'"  1 
ATOM   595 C "C2'"  . DA  B 2 7  ? 2.213   7.022   6.112   1.00 0.00 ? 20 DA  B "C2'"  1 
ATOM   596 C "C1'"  . DA  B 2 7  ? 3.155   5.826   6.177   1.00 0.00 ? 20 DA  B "C1'"  1 
ATOM   597 N N9     . DA  B 2 7  ? 2.892   4.875   5.080   1.00 0.00 ? 20 DA  B N9     1 
ATOM   598 C C8     . DA  B 2 7  ? 1.743   4.167   4.820   1.00 0.00 ? 20 DA  B C8     1 
ATOM   599 N N7     . DA  B 2 7  ? 1.777   3.472   3.712   1.00 0.00 ? 20 DA  B N7     1 
ATOM   600 C C5     . DA  B 2 7  ? 3.055   3.761   3.207   1.00 0.00 ? 20 DA  B C5     1 
ATOM   601 C C6     . DA  B 2 7  ? 3.776   3.407   2.041   1.00 0.00 ? 20 DA  B C6     1 
ATOM   602 N N6     . DA  B 2 7  ? 3.317   2.646   1.070   1.00 0.00 ? 20 DA  B N6     1 
ATOM   603 N N1     . DA  B 2 7  ? 5.014   3.852   1.823   1.00 0.00 ? 20 DA  B N1     1 
ATOM   604 C C2     . DA  B 2 7  ? 5.553   4.657   2.728   1.00 0.00 ? 20 DA  B C2     1 
ATOM   605 N N3     . DA  B 2 7  ? 5.005   5.094   3.857   1.00 0.00 ? 20 DA  B N3     1 
ATOM   606 C C4     . DA  B 2 7  ? 3.743   4.603   4.038   1.00 0.00 ? 20 DA  B C4     1 
ATOM   607 H "H5'"  . DA  B 2 7  ? 2.202   4.858   9.861   1.00 0.00 ? 20 DA  B "H5'"  1 
ATOM   608 H "H5''" . DA  B 2 7  ? 1.864   6.538   10.303  1.00 0.00 ? 20 DA  B "H5''" 1 
ATOM   609 H "H4'"  . DA  B 2 7  ? 3.643   6.588   8.749   1.00 0.00 ? 20 DA  B "H4'"  1 
ATOM   610 H "H3'"  . DA  B 2 7  ? 1.047   7.640   7.818   1.00 0.00 ? 20 DA  B "H3'"  1 
ATOM   611 H "H2'"  . DA  B 2 7  ? 1.229   6.726   5.748   1.00 0.00 ? 20 DA  B "H2'"  1 
ATOM   612 H "H2''" . DA  B 2 7  ? 2.632   7.779   5.462   1.00 0.00 ? 20 DA  B "H2''" 1 
ATOM   613 H "H1'"  . DA  B 2 7  ? 4.192   6.176   6.135   1.00 0.00 ? 20 DA  B "H1'"  1 
ATOM   614 H H8     . DA  B 2 7  ? 0.888   4.201   5.486   1.00 0.00 ? 20 DA  B H8     1 
ATOM   615 H H61    . DA  B 2 7  ? 3.925   2.468   0.291   1.00 0.00 ? 20 DA  B H61    1 
ATOM   616 H H62    . DA  B 2 7  ? 2.381   2.278   1.137   1.00 0.00 ? 20 DA  B H62    1 
ATOM   617 H H2     . DA  B 2 7  ? 6.557   5.004   2.522   1.00 0.00 ? 20 DA  B H2     1 
ATOM   618 P P      . DC  B 2 8  ? 2.384   10.132  7.310   1.00 0.00 ? 21 DC  B P      1 
ATOM   619 O OP1    . DC  B 2 8  ? 3.128   11.148  8.086   1.00 0.00 ? 21 DC  B OP1    1 
ATOM   620 O OP2    . DC  B 2 8  ? 0.908   10.196  7.332   1.00 0.00 ? 21 DC  B OP2    1 
ATOM   621 O "O5'"  . DC  B 2 8  ? 2.864   10.207  5.774   1.00 0.00 ? 21 DC  B "O5'"  1 
ATOM   622 C "C5'"  . DC  B 2 8  ? 4.245   10.180  5.431   1.00 0.00 ? 21 DC  B "C5'"  1 
ATOM   623 C "C4'"  . DC  B 2 8  ? 4.471   9.973   3.927   1.00 0.00 ? 21 DC  B "C4'"  1 
ATOM   624 O "O4'"  . DC  B 2 8  ? 4.056   8.665   3.564   1.00 0.00 ? 21 DC  B "O4'"  1 
ATOM   625 C "C3'"  . DC  B 2 8  ? 3.745   10.977  3.018   1.00 0.00 ? 21 DC  B "C3'"  1 
ATOM   626 O "O3'"  . DC  B 2 8  ? 4.663   11.955  2.532   1.00 0.00 ? 21 DC  B "O3'"  1 
ATOM   627 C "C2'"  . DC  B 2 8  ? 3.183   10.082  1.908   1.00 0.00 ? 21 DC  B "C2'"  1 
ATOM   628 C "C1'"  . DC  B 2 8  ? 3.714   8.680   2.197   1.00 0.00 ? 21 DC  B "C1'"  1 
ATOM   629 N N1     . DC  B 2 8  ? 2.696   7.635   1.902   1.00 0.00 ? 21 DC  B N1     1 
ATOM   630 C C2     . DC  B 2 8  ? 2.902   6.781   0.816   1.00 0.00 ? 21 DC  B C2     1 
ATOM   631 O O2     . DC  B 2 8  ? 3.916   6.838   0.124   1.00 0.00 ? 21 DC  B O2     1 
ATOM   632 N N3     . DC  B 2 8  ? 1.979   5.852   0.480   1.00 0.00 ? 21 DC  B N3     1 
ATOM   633 C C4     . DC  B 2 8  ? 0.882   5.766   1.200   1.00 0.00 ? 21 DC  B C4     1 
ATOM   634 N N4     . DC  B 2 8  ? 0.028   4.866   0.813   1.00 0.00 ? 21 DC  B N4     1 
ATOM   635 C C5     . DC  B 2 8  ? 0.604   6.610   2.308   1.00 0.00 ? 21 DC  B C5     1 
ATOM   636 C C6     . DC  B 2 8  ? 1.536   7.542   2.634   1.00 0.00 ? 21 DC  B C6     1 
ATOM   637 H "H5'"  . DC  B 2 8  ? 4.737   9.360   5.956   1.00 0.00 ? 21 DC  B "H5'"  1 
ATOM   638 H "H5''" . DC  B 2 8  ? 4.714   11.116  5.736   1.00 0.00 ? 21 DC  B "H5''" 1 
ATOM   639 H "H4'"  . DC  B 2 8  ? 5.541   10.054  3.727   1.00 0.00 ? 21 DC  B "H4'"  1 
ATOM   640 H "H3'"  . DC  B 2 8  ? 2.920   11.446  3.557   1.00 0.00 ? 21 DC  B "H3'"  1 
ATOM   641 H "H2'"  . DC  B 2 8  ? 2.094   10.116  1.932   1.00 0.00 ? 21 DC  B "H2'"  1 
ATOM   642 H "H2''" . DC  B 2 8  ? 3.529   10.380  0.928   1.00 0.00 ? 21 DC  B "H2''" 1 
ATOM   643 H "H1'"  . DC  B 2 8  ? 4.616   8.519   1.598   1.00 0.00 ? 21 DC  B "H1'"  1 
ATOM   644 H H41    . DC  B 2 8  ? 0.281   4.312   0.002   1.00 0.00 ? 21 DC  B H41    1 
ATOM   645 H H42    . DC  B 2 8  ? -0.848  4.767   1.292   1.00 0.00 ? 21 DC  B H42    1 
ATOM   646 H H5     . DC  B 2 8  ? -0.310  6.530   2.875   1.00 0.00 ? 21 DC  B H5     1 
ATOM   647 H H6     . DC  B 2 8  ? 1.378   8.227   3.460   1.00 0.00 ? 21 DC  B H6     1 
ATOM   648 P P      . DT  B 2 9  ? 4.212   13.204  1.611   1.00 0.00 ? 22 DT  B P      1 
ATOM   649 O OP1    . DT  B 2 9  ? 5.290   14.214  1.644   1.00 0.00 ? 22 DT  B OP1    1 
ATOM   650 O OP2    . DT  B 2 9  ? 2.855   13.631  2.012   1.00 0.00 ? 22 DT  B OP2    1 
ATOM   651 O "O5'"  . DT  B 2 9  ? 4.135   12.602  0.122   1.00 0.00 ? 22 DT  B "O5'"  1 
ATOM   652 C "C5'"  . DT  B 2 9  ? 5.298   12.096  -0.526  1.00 0.00 ? 22 DT  B "C5'"  1 
ATOM   653 C "C4'"  . DT  B 2 9  ? 4.957   11.356  -1.823  1.00 0.00 ? 22 DT  B "C4'"  1 
ATOM   654 O "O4'"  . DT  B 2 9  ? 4.232   10.173  -1.529  1.00 0.00 ? 22 DT  B "O4'"  1 
ATOM   655 C "C3'"  . DT  B 2 9  ? 4.138   12.178  -2.831  1.00 0.00 ? 22 DT  B "C3'"  1 
ATOM   656 O "O3'"  . DT  B 2 9  ? 4.983   12.646  -3.877  1.00 0.00 ? 22 DT  B "O3'"  1 
ATOM   657 C "C2'"  . DT  B 2 9  ? 3.082   11.181  -3.314  1.00 0.00 ? 22 DT  B "C2'"  1 
ATOM   658 C "C1'"  . DT  B 2 9  ? 3.460   9.852   -2.666  1.00 0.00 ? 22 DT  B "C1'"  1 
ATOM   659 N N1     . DT  B 2 9  ? 2.242   9.097   -2.283  1.00 0.00 ? 22 DT  B N1     1 
ATOM   660 C C2     . DT  B 2 9  ? 1.866   8.011   -3.080  1.00 0.00 ? 22 DT  B C2     1 
ATOM   661 O O2     . DT  B 2 9  ? 2.519   7.594   -4.037  1.00 0.00 ? 22 DT  B O2     1 
ATOM   662 N N3     . DT  B 2 9  ? 0.677   7.405   -2.763  1.00 0.00 ? 22 DT  B N3     1 
ATOM   663 C C4     . DT  B 2 9  ? -0.187  7.778   -1.763  1.00 0.00 ? 22 DT  B C4     1 
ATOM   664 O O4     . DT  B 2 9  ? -1.228  7.138   -1.623  1.00 0.00 ? 22 DT  B O4     1 
ATOM   665 C C5     . DT  B 2 9  ? 0.252   8.930   -0.977  1.00 0.00 ? 22 DT  B C5     1 
ATOM   666 C C7     . DT  B 2 9  ? -0.608  9.481   0.143   1.00 0.00 ? 22 DT  B C7     1 
ATOM   667 C C6     . DT  B 2 9  ? 1.431   9.543   -1.256  1.00 0.00 ? 22 DT  B C6     1 
ATOM   668 H "H5'"  . DT  B 2 9  ? 5.818   11.400  0.137   1.00 0.00 ? 22 DT  B "H5'"  1 
ATOM   669 H "H5''" . DT  B 2 9  ? 5.973   12.921  -0.757  1.00 0.00 ? 22 DT  B "H5''" 1 
ATOM   670 H "H4'"  . DT  B 2 9  ? 5.893   11.065  -2.305  1.00 0.00 ? 22 DT  B "H4'"  1 
ATOM   671 H "H3'"  . DT  B 2 9  ? 3.643   13.010  -2.323  1.00 0.00 ? 22 DT  B "H3'"  1 
ATOM   672 H "H2'"  . DT  B 2 9  ? 2.100   11.522  -2.986  1.00 0.00 ? 22 DT  B "H2'"  1 
ATOM   673 H "H2''" . DT  B 2 9  ? 3.082   11.052  -4.391  1.00 0.00 ? 22 DT  B "H2''" 1 
ATOM   674 H "H1'"  . DT  B 2 9  ? 4.072   9.279   -3.369  1.00 0.00 ? 22 DT  B "H1'"  1 
ATOM   675 H H3     . DT  B 2 9  ? 0.402   6.634   -3.350  1.00 0.00 ? 22 DT  B H3     1 
ATOM   676 H H71    . DT  B 2 9  ? -1.602  9.064   0.118   1.00 0.00 ? 22 DT  B H71    1 
ATOM   677 H H72    . DT  B 2 9  ? -0.178  9.246   1.101   1.00 0.00 ? 22 DT  B H72    1 
ATOM   678 H H73    . DT  B 2 9  ? -0.703  10.552  0.065   1.00 0.00 ? 22 DT  B H73    1 
ATOM   679 H H6     . DT  B 2 9  ? 1.740   10.408  -0.682  1.00 0.00 ? 22 DT  B H6     1 
ATOM   680 P P      . DT  B 2 10 ? 4.470   13.648  -5.034  1.00 0.00 ? 23 DT  B P      1 
ATOM   681 O OP1    . DT  B 2 10 ? 5.655   14.259  -5.670  1.00 0.00 ? 23 DT  B OP1    1 
ATOM   682 O OP2    . DT  B 2 10 ? 3.444   14.554  -4.472  1.00 0.00 ? 23 DT  B OP2    1 
ATOM   683 O "O5'"  . DT  B 2 10 ? 3.763   12.688  -6.108  1.00 0.00 ? 23 DT  B "O5'"  1 
ATOM   684 C "C5'"  . DT  B 2 10 ? 4.508   11.701  -6.813  1.00 0.00 ? 23 DT  B "C5'"  1 
ATOM   685 C "C4'"  . DT  B 2 10 ? 3.619   10.896  -7.765  1.00 0.00 ? 23 DT  B "C4'"  1 
ATOM   686 O "O4'"  . DT  B 2 10 ? 2.742   10.074  -7.009  1.00 0.00 ? 23 DT  B "O4'"  1 
ATOM   687 C "C3'"  . DT  B 2 10 ? 2.784   11.773  -8.716  1.00 0.00 ? 23 DT  B "C3'"  1 
ATOM   688 O "O3'"  . DT  B 2 10 ? 3.188   11.547  -10.062 1.00 0.00 ? 23 DT  B "O3'"  1 
ATOM   689 C "C2'"  . DT  B 2 10 ? 1.351   11.321  -8.428  1.00 0.00 ? 23 DT  B "C2'"  1 
ATOM   690 C "C1'"  . DT  B 2 10 ? 1.517   9.986   -7.706  1.00 0.00 ? 23 DT  B "C1'"  1 
ATOM   691 N N1     . DT  B 2 10 ? 0.412   9.737   -6.745  1.00 0.00 ? 23 DT  B N1     1 
ATOM   692 C C2     . DT  B 2 10 ? -0.466  8.680   -7.000  1.00 0.00 ? 23 DT  B C2     1 
ATOM   693 O O2     . DT  B 2 10 ? -0.375  7.922   -7.966  1.00 0.00 ? 23 DT  B O2     1 
ATOM   694 N N3     . DT  B 2 10 ? -1.492  8.509   -6.105  1.00 0.00 ? 23 DT  B N3     1 
ATOM   695 C C4     . DT  B 2 10 ? -1.764  9.296   -5.014  1.00 0.00 ? 23 DT  B C4     1 
ATOM   696 O O4     . DT  B 2 10 ? -2.743  9.022   -4.321  1.00 0.00 ? 23 DT  B O4     1 
ATOM   697 C C5     . DT  B 2 10 ? -0.826  10.397  -4.814  1.00 0.00 ? 23 DT  B C5     1 
ATOM   698 C C7     . DT  B 2 10 ? -1.020  11.372  -3.670  1.00 0.00 ? 23 DT  B C7     1 
ATOM   699 C C6     . DT  B 2 10 ? 0.221   10.575  -5.662  1.00 0.00 ? 23 DT  B C6     1 
ATOM   700 H "H5'"  . DT  B 2 10 ? 4.973   11.011  -6.106  1.00 0.00 ? 23 DT  B "H5'"  1 
ATOM   701 H "H5''" . DT  B 2 10 ? 5.295   12.182  -7.396  1.00 0.00 ? 23 DT  B "H5''" 1 
ATOM   702 H "H4'"  . DT  B 2 10 ? 4.259   10.248  -8.366  1.00 0.00 ? 23 DT  B "H4'"  1 
ATOM   703 H "H3'"  . DT  B 2 10 ? 2.895   12.829  -8.458  1.00 0.00 ? 23 DT  B "H3'"  1 
ATOM   704 H "H2'"  . DT  B 2 10 ? 0.876   12.061  -7.785  1.00 0.00 ? 23 DT  B "H2'"  1 
ATOM   705 H "H2''" . DT  B 2 10 ? 0.761   11.187  -9.329  1.00 0.00 ? 23 DT  B "H2''" 1 
ATOM   706 H "H1'"  . DT  B 2 10 ? 1.580   9.187   -8.452  1.00 0.00 ? 23 DT  B "H1'"  1 
ATOM   707 H H3     . DT  B 2 10 ? -2.130  7.753   -6.298  1.00 0.00 ? 23 DT  B H3     1 
ATOM   708 H H71    . DT  B 2 10 ? -2.063  11.659  -3.602  1.00 0.00 ? 23 DT  B H71    1 
ATOM   709 H H72    . DT  B 2 10 ? -0.730  10.911  -2.736  1.00 0.00 ? 23 DT  B H72    1 
ATOM   710 H H73    . DT  B 2 10 ? -0.430  12.270  -3.817  1.00 0.00 ? 23 DT  B H73    1 
ATOM   711 H H6     . DT  B 2 10 ? 0.915   11.391  -5.504  1.00 0.00 ? 23 DT  B H6     1 
ATOM   712 P P      . DT  B 2 11 ? 2.600   12.395  -11.303 1.00 0.00 ? 24 DT  B P      1 
ATOM   713 O OP1    . DT  B 2 11 ? 3.590   12.352  -12.399 1.00 0.00 ? 24 DT  B OP1    1 
ATOM   714 O OP2    . DT  B 2 11 ? 2.157   13.722  -10.823 1.00 0.00 ? 24 DT  B OP2    1 
ATOM   715 O "O5'"  . DT  B 2 11 ? 1.305   11.556  -11.757 1.00 0.00 ? 24 DT  B "O5'"  1 
ATOM   716 C "C5'"  . DT  B 2 11 ? 1.439   10.230  -12.256 1.00 0.00 ? 24 DT  B "C5'"  1 
ATOM   717 C "C4'"  . DT  B 2 11 ? 0.087   9.582   -12.574 1.00 0.00 ? 24 DT  B "C4'"  1 
ATOM   718 O "O4'"  . DT  B 2 11 ? -0.619  9.333   -11.362 1.00 0.00 ? 24 DT  B "O4'"  1 
ATOM   719 C "C3'"  . DT  B 2 11 ? -0.813  10.421  -13.499 1.00 0.00 ? 24 DT  B "C3'"  1 
ATOM   720 O "O3'"  . DT  B 2 11 ? -1.269  9.590   -14.562 1.00 0.00 ? 24 DT  B "O3'"  1 
ATOM   721 C "C2'"  . DT  B 2 11 ? -1.931  10.861  -12.550 1.00 0.00 ? 24 DT  B "C2'"  1 
ATOM   722 C "C1'"  . DT  B 2 11 ? -1.972  9.696   -11.560 1.00 0.00 ? 24 DT  B "C1'"  1 
ATOM   723 N N1     . DT  B 2 11 ? -2.624  10.005  -10.255 1.00 0.00 ? 24 DT  B N1     1 
ATOM   724 C C2     . DT  B 2 11 ? -3.634  9.141   -9.812  1.00 0.00 ? 24 DT  B C2     1 
ATOM   725 O O2     . DT  B 2 11 ? -3.990  8.125   -10.411 1.00 0.00 ? 24 DT  B O2     1 
ATOM   726 N N3     . DT  B 2 11 ? -4.259  9.468   -8.634  1.00 0.00 ? 24 DT  B N3     1 
ATOM   727 C C4     . DT  B 2 11 ? -3.987  10.561  -7.849  1.00 0.00 ? 24 DT  B C4     1 
ATOM   728 O O4     . DT  B 2 11 ? -4.652  10.729  -6.828  1.00 0.00 ? 24 DT  B O4     1 
ATOM   729 C C5     . DT  B 2 11 ? -2.900  11.406  -8.340  1.00 0.00 ? 24 DT  B C5     1 
ATOM   730 C C7     . DT  B 2 11 ? -2.476  12.639  -7.563  1.00 0.00 ? 24 DT  B C7     1 
ATOM   731 C C6     . DT  B 2 11 ? -2.261  11.108  -9.503  1.00 0.00 ? 24 DT  B C6     1 
ATOM   732 H "H5'"  . DT  B 2 11 ? 1.952   9.607   -11.520 1.00 0.00 ? 24 DT  B "H5'"  1 
ATOM   733 H "H5''" . DT  B 2 11 ? 2.041   10.244  -13.166 1.00 0.00 ? 24 DT  B "H5''" 1 
ATOM   734 H "H4'"  . DT  B 2 11 ? 0.287   8.626   -13.063 1.00 0.00 ? 24 DT  B "H4'"  1 
ATOM   735 H "H3'"  . DT  B 2 11 ? -0.270  11.284  -13.895 1.00 0.00 ? 24 DT  B "H3'"  1 
ATOM   736 H "H2'"  . DT  B 2 11 ? -1.640  11.790  -12.062 1.00 0.00 ? 24 DT  B "H2'"  1 
ATOM   737 H "H2''" . DT  B 2 11 ? -2.886  10.990  -13.053 1.00 0.00 ? 24 DT  B "H2''" 1 
ATOM   738 H "H1'"  . DT  B 2 11 ? -2.493  8.870   -12.054 1.00 0.00 ? 24 DT  B "H1'"  1 
ATOM   739 H H3     . DT  B 2 11 ? -5.025  8.877   -8.349  1.00 0.00 ? 24 DT  B H3     1 
ATOM   740 H H71    . DT  B 2 11 ? -2.069  13.389  -8.224  1.00 0.00 ? 24 DT  B H71    1 
ATOM   741 H H72    . DT  B 2 11 ? -3.322  13.076  -7.052  1.00 0.00 ? 24 DT  B H72    1 
ATOM   742 H H73    . DT  B 2 11 ? -1.729  12.389  -6.825  1.00 0.00 ? 24 DT  B H73    1 
ATOM   743 H H6     . DT  B 2 11 ? -1.454  11.746  -9.840  1.00 0.00 ? 24 DT  B H6     1 
ATOM   744 P P      . DG  B 2 12 ? -2.227  10.118  -15.746 1.00 0.00 ? 25 DG  B P      1 
ATOM   745 O OP1    . DG  B 2 12 ? -1.914  9.348   -16.970 1.00 0.00 ? 25 DG  B OP1    1 
ATOM   746 O OP2    . DG  B 2 12 ? -2.160  11.592  -15.817 1.00 0.00 ? 25 DG  B OP2    1 
ATOM   747 O "O5'"  . DG  B 2 12 ? -3.690  9.691   -15.232 1.00 0.00 ? 25 DG  B "O5'"  1 
ATOM   748 C "C5'"  . DG  B 2 12 ? -4.042  8.315   -15.146 1.00 0.00 ? 25 DG  B "C5'"  1 
ATOM   749 C "C4'"  . DG  B 2 12 ? -5.488  8.080   -14.702 1.00 0.00 ? 25 DG  B "C4'"  1 
ATOM   750 O "O4'"  . DG  B 2 12 ? -5.633  8.405   -13.328 1.00 0.00 ? 25 DG  B "O4'"  1 
ATOM   751 C "C3'"  . DG  B 2 12 ? -6.531  8.875   -15.509 1.00 0.00 ? 25 DG  B "C3'"  1 
ATOM   752 O "O3'"  . DG  B 2 12 ? -7.507  7.975   -16.019 1.00 0.00 ? 25 DG  B "O3'"  1 
ATOM   753 C "C2'"  . DG  B 2 12 ? -7.088  9.836   -14.461 1.00 0.00 ? 25 DG  B "C2'"  1 
ATOM   754 C "C1'"  . DG  B 2 12 ? -6.879  9.051   -13.174 1.00 0.00 ? 25 DG  B "C1'"  1 
ATOM   755 N N9     . DG  B 2 12 ? -6.855  9.936   -11.995 1.00 0.00 ? 25 DG  B N9     1 
ATOM   756 C C8     . DG  B 2 12 ? -5.984  10.953  -11.691 1.00 0.00 ? 25 DG  B C8     1 
ATOM   757 N N7     . DG  B 2 12 ? -6.267  11.591  -10.583 1.00 0.00 ? 25 DG  B N7     1 
ATOM   758 C C5     . DG  B 2 12 ? -7.428  10.946  -10.128 1.00 0.00 ? 25 DG  B C5     1 
ATOM   759 C C6     . DG  B 2 12 ? -8.267  11.171  -8.980  1.00 0.00 ? 25 DG  B C6     1 
ATOM   760 O O6     . DG  B 2 12 ? -8.172  12.028  -8.098  1.00 0.00 ? 25 DG  B O6     1 
ATOM   761 N N1     . DG  B 2 12 ? -9.325  10.287  -8.891  1.00 0.00 ? 25 DG  B N1     1 
ATOM   762 C C2     . DG  B 2 12 ? -9.577  9.319   -9.804  1.00 0.00 ? 25 DG  B C2     1 
ATOM   763 N N2     . DG  B 2 12 ? -10.620 8.565   -9.619  1.00 0.00 ? 25 DG  B N2     1 
ATOM   764 N N3     . DG  B 2 12 ? -8.852  9.087   -10.888 1.00 0.00 ? 25 DG  B N3     1 
ATOM   765 C C4     . DG  B 2 12 ? -7.784  9.931   -10.989 1.00 0.00 ? 25 DG  B C4     1 
ATOM   766 H "H5'"  . DG  B 2 12 ? -3.376  7.805   -14.449 1.00 0.00 ? 25 DG  B "H5'"  1 
ATOM   767 H "H5''" . DG  B 2 12 ? -3.918  7.858   -16.129 1.00 0.00 ? 25 DG  B "H5''" 1 
ATOM   768 H "H4'"  . DG  B 2 12 ? -5.701  7.017   -14.824 1.00 0.00 ? 25 DG  B "H4'"  1 
ATOM   769 H "H3'"  . DG  B 2 12 ? -6.057  9.433   -16.319 1.00 0.00 ? 25 DG  B "H3'"  1 
ATOM   770 H "H2'"  . DG  B 2 12 ? -6.489  10.746  -14.456 1.00 0.00 ? 25 DG  B "H2'"  1 
ATOM   771 H "H2''" . DG  B 2 12 ? -8.139  10.078  -14.615 1.00 0.00 ? 25 DG  B "H2''" 1 
ATOM   772 H "H1'"  . DG  B 2 12 ? -7.678  8.311   -13.071 1.00 0.00 ? 25 DG  B "H1'"  1 
ATOM   773 H H8     . DG  B 2 12 ? -5.141  11.189  -12.329 1.00 0.00 ? 25 DG  B H8     1 
ATOM   774 H H1     . DG  B 2 12 ? -9.950  10.391  -8.109  1.00 0.00 ? 25 DG  B H1     1 
ATOM   775 H H21    . DG  B 2 12 ? -11.213 8.681   -8.801  1.00 0.00 ? 25 DG  B H21    1 
ATOM   776 H H22    . DG  B 2 12 ? -10.816 7.880   -10.327 1.00 0.00 ? 25 DG  B H22    1 
ATOM   777 P P      . DG  B 2 13 ? -8.733  8.445   -16.954 1.00 0.00 ? 26 DG  B P      1 
ATOM   778 O OP1    . DG  B 2 13 ? -9.054  7.339   -17.881 1.00 0.00 ? 26 DG  B OP1    1 
ATOM   779 O OP2    . DG  B 2 13 ? -8.429  9.769   -17.537 1.00 0.00 ? 26 DG  B OP2    1 
ATOM   780 O "O5'"  . DG  B 2 13 ? -9.948  8.620   -15.916 1.00 0.00 ? 26 DG  B "O5'"  1 
ATOM   781 C "C5'"  . DG  B 2 13 ? -10.469 7.500   -15.208 1.00 0.00 ? 26 DG  B "C5'"  1 
ATOM   782 C "C4'"  . DG  B 2 13 ? -11.694 7.855   -14.356 1.00 0.00 ? 26 DG  B "C4'"  1 
ATOM   783 O "O4'"  . DG  B 2 13 ? -11.290 8.624   -13.236 1.00 0.00 ? 26 DG  B "O4'"  1 
ATOM   784 C "C3'"  . DG  B 2 13 ? -12.776 8.647   -15.122 1.00 0.00 ? 26 DG  B "C3'"  1 
ATOM   785 O "O3'"  . DG  B 2 13 ? -14.012 7.948   -15.239 1.00 0.00 ? 26 DG  B "O3'"  1 
ATOM   786 C "C2'"  . DG  B 2 13 ? -12.936 9.918   -14.289 1.00 0.00 ? 26 DG  B "C2'"  1 
ATOM   787 C "C1'"  . DG  B 2 13 ? -12.325 9.537   -12.941 1.00 0.00 ? 26 DG  B "C1'"  1 
ATOM   788 N N9     . DG  B 2 13 ? -11.764 10.707  -12.237 1.00 0.00 ? 26 DG  B N9     1 
ATOM   789 C C8     . DG  B 2 13 ? -10.691 11.489  -12.590 1.00 0.00 ? 26 DG  B C8     1 
ATOM   790 N N7     . DG  B 2 13 ? -10.452 12.477  -11.766 1.00 0.00 ? 26 DG  B N7     1 
ATOM   791 C C5     . DG  B 2 13 ? -11.457 12.337  -10.794 1.00 0.00 ? 26 DG  B C5     1 
ATOM   792 C C6     . DG  B 2 13 ? -11.775 13.116  -9.627  1.00 0.00 ? 26 DG  B C6     1 
ATOM   793 O O6     . DG  B 2 13 ? -11.225 14.130  -9.193  1.00 0.00 ? 26 DG  B O6     1 
ATOM   794 N N1     . DG  B 2 13 ? -12.864 12.637  -8.926  1.00 0.00 ? 26 DG  B N1     1 
ATOM   795 C C2     . DG  B 2 13 ? -13.573 11.542  -9.287  1.00 0.00 ? 26 DG  B C2     1 
ATOM   796 N N2     . DG  B 2 13 ? -14.584 11.202  -8.535  1.00 0.00 ? 26 DG  B N2     1 
ATOM   797 N N3     . DG  B 2 13 ? -13.333 10.801  -10.363 1.00 0.00 ? 26 DG  B N3     1 
ATOM   798 C C4     . DG  B 2 13 ? -12.256 11.250  -11.077 1.00 0.00 ? 26 DG  B C4     1 
ATOM   799 H "H5'"  . DG  B 2 13 ? -9.699  7.087   -14.555 1.00 0.00 ? 26 DG  B "H5'"  1 
ATOM   800 H "H5''" . DG  B 2 13 ? -10.768 6.727   -15.917 1.00 0.00 ? 26 DG  B "H5''" 1 
ATOM   801 H "H4'"  . DG  B 2 13 ? -12.130 6.926   -13.986 1.00 0.00 ? 26 DG  B "H4'"  1 
ATOM   802 H "H3'"  . DG  B 2 13 ? -12.422 8.917   -16.118 1.00 0.00 ? 26 DG  B "H3'"  1 
ATOM   803 H "HO3'" . DG  B 2 13 ? -14.309 7.635   -14.363 1.00 0.00 ? 26 DG  B "HO3'" 1 
ATOM   804 H "H2'"  . DG  B 2 13 ? -12.361 10.718  -14.757 1.00 0.00 ? 26 DG  B "H2'"  1 
ATOM   805 H "H2''" . DG  B 2 13 ? -13.979 10.221  -14.181 1.00 0.00 ? 26 DG  B "H2''" 1 
ATOM   806 H "H1'"  . DG  B 2 13 ? -13.084 9.057   -12.317 1.00 0.00 ? 26 DG  B "H1'"  1 
ATOM   807 H H8     . DG  B 2 13 ? -10.105 11.280  -13.477 1.00 0.00 ? 26 DG  B H8     1 
ATOM   808 H H1     . DG  B 2 13 ? -13.143 13.145  -8.101  1.00 0.00 ? 26 DG  B H1     1 
ATOM   809 H H21    . DG  B 2 13 ? -14.827 11.744  -7.709  1.00 0.00 ? 26 DG  B H21    1 
ATOM   810 H H22    . DG  B 2 13 ? -15.105 10.384  -8.802  1.00 0.00 ? 26 DG  B H22    1 
# 
